data_4J3G
#
_entry.id   4J3G
#
_cell.length_a   39.110
_cell.length_b   57.000
_cell.length_c   73.420
_cell.angle_alpha   86.550
_cell.angle_beta   88.150
_cell.angle_gamma   88.760
#
_symmetry.space_group_name_H-M   'P 1'
#
loop_
_entity.id
_entity.type
_entity.pdbx_description
1 polymer 'GCN5-related N-acetyltransferase'
2 non-polymer 'SULFATE ION'
3 non-polymer 1,2-ETHANEDIOL
4 non-polymer 'SODIUM ION'
5 non-polymer IMIDAZOLE
6 water water
#
_entity_poly.entity_id   1
_entity_poly.type   'polypeptide(L)'
_entity_poly.pdbx_seq_one_letter_code
;MAHHHHHHMGTLEAQTQGPGSMTLLIRHATEADLPALLAIYNDAVENTLAIWNETLVDLENRHQWLENRNRDGFPVLVAE
REGQVVGYASYGPFRPFEGFRHSSELSVYVASNARGGGIGRTLLAELIEEARERKVHVLIAGIEAGNAASIALHRSQGFE
ECGTLKQVGQKFGRWLDLLFMQKIL
;
_entity_poly.pdbx_strand_id   A,B,C,D
#
# COMPACT_ATOMS: atom_id res chain seq x y z
N MET A 22 -47.95 -8.03 -24.87
CA MET A 22 -47.53 -6.93 -25.77
C MET A 22 -46.07 -6.53 -25.43
N THR A 23 -45.46 -5.80 -26.35
CA THR A 23 -44.07 -5.37 -26.21
C THR A 23 -43.94 -4.24 -25.16
N LEU A 24 -42.80 -4.16 -24.50
CA LEU A 24 -42.55 -3.16 -23.45
C LEU A 24 -41.94 -1.89 -24.03
N LEU A 25 -42.32 -0.75 -23.47
CA LEU A 25 -41.63 0.53 -23.70
C LEU A 25 -40.82 0.83 -22.47
N ILE A 26 -39.51 1.02 -22.63
CA ILE A 26 -38.63 1.44 -21.53
C ILE A 26 -38.33 2.91 -21.71
N ARG A 27 -38.54 3.71 -20.66
CA ARG A 27 -38.28 5.15 -20.70
C ARG A 27 -37.97 5.63 -19.31
N HIS A 28 -37.54 6.88 -19.20
CA HIS A 28 -37.24 7.46 -17.91
C HIS A 28 -38.50 7.82 -17.17
N ALA A 29 -38.46 7.65 -15.85
CA ALA A 29 -39.61 7.95 -14.98
C ALA A 29 -39.85 9.45 -14.90
N THR A 30 -41.12 9.81 -14.85
CA THR A 30 -41.52 11.20 -14.61
C THR A 30 -42.30 11.26 -13.33
N GLU A 31 -42.63 12.48 -12.91
CA GLU A 31 -43.42 12.72 -11.74
C GLU A 31 -44.78 12.04 -11.85
N ALA A 32 -45.34 12.01 -13.06
CA ALA A 32 -46.59 11.28 -13.38
C ALA A 32 -46.61 9.79 -13.03
N ASP A 33 -45.42 9.19 -12.98
CA ASP A 33 -45.28 7.75 -12.75
C ASP A 33 -45.24 7.43 -11.27
N LEU A 34 -45.21 8.46 -10.43
CA LEU A 34 -45.00 8.26 -9.02
C LEU A 34 -46.06 7.34 -8.35
N PRO A 35 -47.37 7.48 -8.69
CA PRO A 35 -48.31 6.51 -8.06
C PRO A 35 -47.97 5.08 -8.38
N ALA A 36 -47.58 4.82 -9.62
CA ALA A 36 -47.18 3.45 -10.01
C ALA A 36 -45.91 2.96 -9.27
N LEU A 37 -44.92 3.82 -9.15
CA LEU A 37 -43.69 3.50 -8.46
C LEU A 37 -44.03 3.16 -7.03
N LEU A 38 -44.87 3.99 -6.39
CA LEU A 38 -45.25 3.74 -5.02
C LEU A 38 -45.88 2.37 -4.85
N ALA A 39 -46.82 2.04 -5.74
CA ALA A 39 -47.58 0.79 -5.64
C ALA A 39 -46.65 -0.41 -5.74
N ILE A 40 -45.70 -0.32 -6.66
CA ILE A 40 -44.76 -1.41 -6.91
C ILE A 40 -43.81 -1.54 -5.73
N TYR A 41 -43.30 -0.42 -5.27
CA TYR A 41 -42.42 -0.42 -4.13
C TYR A 41 -43.08 -0.96 -2.85
N ASN A 42 -44.26 -0.44 -2.49
CA ASN A 42 -44.96 -0.99 -1.31
C ASN A 42 -45.37 -2.48 -1.43
N ASP A 43 -45.71 -2.91 -2.64
CA ASP A 43 -45.98 -4.32 -2.92
C ASP A 43 -44.74 -5.15 -2.58
N ALA A 44 -43.58 -4.72 -3.07
CA ALA A 44 -42.29 -5.41 -2.74
C ALA A 44 -42.01 -5.42 -1.24
N VAL A 45 -42.27 -4.29 -0.58
CA VAL A 45 -42.08 -4.20 0.87
C VAL A 45 -42.95 -5.19 1.65
N GLU A 46 -44.21 -5.30 1.23
CA GLU A 46 -45.22 -6.11 1.92
C GLU A 46 -45.10 -7.58 1.64
N ASN A 47 -44.77 -7.93 0.39
CA ASN A 47 -45.05 -9.28 -0.15
C ASN A 47 -43.81 -10.06 -0.63
N THR A 48 -42.62 -9.53 -0.42
CA THR A 48 -41.42 -10.19 -0.99
C THR A 48 -40.20 -10.01 -0.10
N LEU A 49 -39.16 -10.76 -0.45
CA LEU A 49 -37.82 -10.55 0.13
C LEU A 49 -36.86 -9.78 -0.80
N ALA A 50 -37.39 -9.01 -1.72
CA ALA A 50 -36.59 -8.16 -2.63
C ALA A 50 -36.13 -6.80 -2.05
N ILE A 51 -36.81 -6.31 -1.05
CA ILE A 51 -36.47 -5.10 -0.40
C ILE A 51 -36.53 -5.53 1.05
N TRP A 52 -35.46 -5.27 1.80
N TRP A 52 -35.50 -5.26 1.84
CA TRP A 52 -35.40 -5.60 3.24
CA TRP A 52 -35.55 -5.77 3.21
C TRP A 52 -35.71 -4.38 4.09
C TRP A 52 -36.16 -4.82 4.21
N ASN A 53 -36.79 -3.75 3.72
CA ASN A 53 -37.53 -2.81 4.57
C ASN A 53 -38.92 -3.42 4.78
N GLU A 54 -39.53 -3.18 5.92
CA GLU A 54 -40.88 -3.68 6.22
C GLU A 54 -41.89 -2.54 6.31
N THR A 55 -41.41 -1.31 6.19
CA THR A 55 -42.23 -0.15 6.47
C THR A 55 -42.81 0.41 5.18
N LEU A 56 -44.14 0.50 5.10
CA LEU A 56 -44.78 1.12 3.92
C LEU A 56 -44.50 2.62 3.89
N VAL A 57 -44.41 3.15 2.68
CA VAL A 57 -44.16 4.59 2.48
C VAL A 57 -45.32 5.24 1.73
N ASP A 58 -45.26 6.57 1.64
CA ASP A 58 -46.29 7.37 1.00
C ASP A 58 -45.75 8.06 -0.24
N LEU A 59 -46.65 8.70 -0.96
CA LEU A 59 -46.32 9.29 -2.23
C LEU A 59 -45.17 10.29 -2.08
N GLU A 60 -45.20 11.08 -1.00
CA GLU A 60 -44.19 12.11 -0.76
C GLU A 60 -42.80 11.50 -0.63
N ASN A 61 -42.71 10.36 0.07
CA ASN A 61 -41.46 9.61 0.21
C ASN A 61 -40.84 9.31 -1.17
N ARG A 62 -41.65 8.80 -2.09
CA ARG A 62 -41.15 8.45 -3.42
C ARG A 62 -40.85 9.68 -4.25
N HIS A 63 -41.57 10.77 -3.99
CA HIS A 63 -41.29 12.01 -4.69
C HIS A 63 -39.86 12.50 -4.33
N GLN A 64 -39.53 12.47 -3.04
CA GLN A 64 -38.18 12.84 -2.59
C GLN A 64 -37.16 11.87 -3.16
N TRP A 65 -37.51 10.59 -3.23
CA TRP A 65 -36.57 9.57 -3.72
C TRP A 65 -36.24 9.82 -5.19
N LEU A 66 -37.27 10.12 -5.96
CA LEU A 66 -37.09 10.36 -7.40
C LEU A 66 -36.31 11.66 -7.61
N GLU A 67 -36.67 12.69 -6.86
CA GLU A 67 -36.05 14.00 -7.01
C GLU A 67 -34.58 13.88 -6.73
N ASN A 68 -34.24 13.11 -5.70
CA ASN A 68 -32.85 12.95 -5.32
C ASN A 68 -32.07 12.12 -6.38
N ARG A 69 -32.71 11.11 -6.96
CA ARG A 69 -32.07 10.35 -8.07
C ARG A 69 -31.72 11.29 -9.24
N ASN A 70 -32.72 12.02 -9.68
CA ASN A 70 -32.54 12.98 -10.77
C ASN A 70 -31.42 13.96 -10.45
N ARG A 71 -31.47 14.53 -9.23
CA ARG A 71 -30.49 15.55 -8.83
C ARG A 71 -29.08 15.02 -8.88
N ASP A 72 -28.91 13.77 -8.46
CA ASP A 72 -27.61 13.12 -8.31
C ASP A 72 -27.07 12.46 -9.58
N GLY A 73 -27.85 12.50 -10.65
CA GLY A 73 -27.41 11.97 -11.92
C GLY A 73 -27.64 10.48 -12.12
N PHE A 74 -28.55 9.92 -11.35
CA PHE A 74 -28.81 8.49 -11.39
C PHE A 74 -30.14 8.22 -12.10
N PRO A 75 -30.12 7.37 -13.12
CA PRO A 75 -31.32 7.06 -13.92
C PRO A 75 -32.39 6.31 -13.13
N VAL A 76 -33.62 6.65 -13.41
CA VAL A 76 -34.75 5.80 -13.04
C VAL A 76 -35.54 5.45 -14.31
N LEU A 77 -35.59 4.16 -14.62
CA LEU A 77 -36.28 3.65 -15.79
C LEU A 77 -37.61 3.02 -15.39
N VAL A 78 -38.62 3.18 -16.26
CA VAL A 78 -39.86 2.43 -16.09
C VAL A 78 -40.16 1.56 -17.31
N ALA A 79 -40.84 0.46 -17.07
CA ALA A 79 -41.36 -0.35 -18.15
C ALA A 79 -42.87 -0.10 -18.24
N GLU A 80 -43.32 0.21 -19.45
CA GLU A 80 -44.72 0.45 -19.72
C GLU A 80 -45.26 -0.59 -20.71
N ARG A 81 -46.43 -1.15 -20.38
CA ARG A 81 -47.09 -2.19 -21.21
C ARG A 81 -48.61 -1.95 -21.17
N GLU A 82 -49.23 -1.96 -22.35
CA GLU A 82 -50.67 -1.67 -22.49
C GLU A 82 -51.07 -0.42 -21.71
N GLY A 83 -50.27 0.64 -21.87
CA GLY A 83 -50.43 1.91 -21.12
C GLY A 83 -49.98 1.96 -19.65
N GLN A 84 -49.71 0.81 -19.01
CA GLN A 84 -49.50 0.78 -17.53
C GLN A 84 -48.02 0.59 -17.23
N VAL A 85 -47.54 1.23 -16.19
CA VAL A 85 -46.21 0.89 -15.64
C VAL A 85 -46.25 -0.48 -14.94
N VAL A 86 -45.38 -1.40 -15.40
CA VAL A 86 -45.35 -2.79 -14.90
C VAL A 86 -44.04 -3.13 -14.21
N GLY A 87 -43.11 -2.17 -14.21
CA GLY A 87 -41.89 -2.31 -13.41
C GLY A 87 -41.04 -1.07 -13.46
N TYR A 88 -40.04 -0.99 -12.57
CA TYR A 88 -39.04 0.06 -12.69
C TYR A 88 -37.66 -0.41 -12.23
N ALA A 89 -36.65 0.37 -12.60
CA ALA A 89 -35.26 0.04 -12.21
C ALA A 89 -34.44 1.29 -11.97
N SER A 90 -33.49 1.18 -11.05
CA SER A 90 -32.60 2.28 -10.84
C SER A 90 -31.27 1.79 -10.28
N TYR A 91 -30.34 2.72 -10.17
CA TYR A 91 -29.10 2.45 -9.41
C TYR A 91 -28.69 3.68 -8.68
N GLY A 92 -27.95 3.46 -7.59
CA GLY A 92 -27.44 4.55 -6.75
C GLY A 92 -26.11 4.13 -6.12
N PRO A 93 -25.66 4.92 -5.17
CA PRO A 93 -24.34 4.67 -4.65
C PRO A 93 -24.24 3.31 -3.95
N PHE A 94 -23.15 2.59 -4.21
CA PHE A 94 -22.91 1.30 -3.55
C PHE A 94 -22.50 1.53 -2.08
N ARG A 95 -21.52 2.40 -1.89
CA ARG A 95 -21.14 2.87 -0.57
C ARG A 95 -20.88 4.38 -0.62
N PRO A 96 -21.18 5.10 0.47
CA PRO A 96 -21.04 6.56 0.49
C PRO A 96 -19.66 7.10 0.06
N PHE A 97 -18.58 6.43 0.45
CA PHE A 97 -17.24 7.03 0.41
C PHE A 97 -16.72 7.35 -1.03
N GLU A 98 -15.84 8.36 -1.16
CA GLU A 98 -15.33 8.76 -2.49
C GLU A 98 -14.60 7.62 -3.23
N GLY A 99 -14.00 6.73 -2.45
CA GLY A 99 -13.35 5.55 -3.01
C GLY A 99 -14.27 4.72 -3.89
N PHE A 100 -15.57 4.80 -3.67
CA PHE A 100 -16.53 3.89 -4.32
C PHE A 100 -17.35 4.59 -5.39
N ARG A 101 -16.98 5.81 -5.74
CA ARG A 101 -17.75 6.67 -6.65
C ARG A 101 -18.11 6.04 -8.00
N HIS A 102 -17.26 5.16 -8.54
CA HIS A 102 -17.53 4.49 -9.81
C HIS A 102 -18.22 3.14 -9.67
N SER A 103 -18.68 2.83 -8.46
CA SER A 103 -19.49 1.65 -8.26
C SER A 103 -20.90 2.06 -7.85
N SER A 104 -21.88 1.41 -8.45
CA SER A 104 -23.29 1.67 -8.18
C SER A 104 -24.02 0.37 -7.92
N GLU A 105 -24.97 0.41 -7.01
CA GLU A 105 -25.79 -0.75 -6.74
C GLU A 105 -27.14 -0.60 -7.42
N LEU A 106 -27.58 -1.63 -8.15
CA LEU A 106 -28.78 -1.50 -8.93
C LEU A 106 -29.93 -2.29 -8.34
N SER A 107 -31.16 -1.85 -8.64
CA SER A 107 -32.38 -2.52 -8.22
C SER A 107 -33.38 -2.55 -9.35
N VAL A 108 -34.13 -3.65 -9.43
CA VAL A 108 -35.14 -3.85 -10.43
C VAL A 108 -36.37 -4.38 -9.72
N TYR A 109 -37.50 -3.70 -9.90
CA TYR A 109 -38.77 -4.14 -9.32
C TYR A 109 -39.79 -4.38 -10.39
N VAL A 110 -40.49 -5.50 -10.29
CA VAL A 110 -41.55 -5.81 -11.26
C VAL A 110 -42.84 -5.96 -10.51
N ALA A 111 -43.92 -5.44 -11.08
CA ALA A 111 -45.27 -5.64 -10.52
C ALA A 111 -45.58 -7.12 -10.13
N SER A 112 -46.19 -7.28 -8.95
CA SER A 112 -46.42 -8.59 -8.37
C SER A 112 -47.29 -9.46 -9.25
N ASN A 113 -48.17 -8.83 -10.04
CA ASN A 113 -49.08 -9.58 -10.90
C ASN A 113 -48.52 -9.71 -12.32
N ALA A 114 -47.28 -9.25 -12.52
CA ALA A 114 -46.65 -9.35 -13.84
C ALA A 114 -45.30 -10.08 -13.82
N ARG A 115 -45.06 -10.95 -12.82
CA ARG A 115 -43.80 -11.69 -12.76
C ARG A 115 -43.70 -12.81 -13.87
N GLY A 116 -42.47 -13.13 -14.23
CA GLY A 116 -42.21 -14.24 -15.15
C GLY A 116 -42.51 -13.89 -16.60
N GLY A 117 -42.53 -12.60 -16.92
CA GLY A 117 -42.92 -12.14 -18.26
C GLY A 117 -41.83 -11.42 -19.01
N GLY A 118 -40.61 -11.40 -18.47
CA GLY A 118 -39.44 -10.84 -19.18
C GLY A 118 -39.16 -9.37 -18.88
N ILE A 119 -39.96 -8.80 -17.99
CA ILE A 119 -39.87 -7.38 -17.67
C ILE A 119 -38.57 -7.05 -16.96
N GLY A 120 -38.24 -7.81 -15.90
CA GLY A 120 -37.02 -7.55 -15.13
C GLY A 120 -35.76 -7.62 -16.00
N ARG A 121 -35.71 -8.61 -16.87
CA ARG A 121 -34.55 -8.79 -17.72
C ARG A 121 -34.40 -7.62 -18.72
N THR A 122 -35.52 -7.15 -19.26
CA THR A 122 -35.51 -6.00 -20.21
C THR A 122 -35.06 -4.68 -19.49
N LEU A 123 -35.61 -4.46 -18.31
CA LEU A 123 -35.18 -3.34 -17.49
C LEU A 123 -33.68 -3.40 -17.16
N LEU A 124 -33.18 -4.56 -16.73
CA LEU A 124 -31.77 -4.70 -16.36
C LEU A 124 -30.91 -4.38 -17.57
N ALA A 125 -31.29 -4.95 -18.72
CA ALA A 125 -30.50 -4.71 -19.90
C ALA A 125 -30.39 -3.24 -20.23
N GLU A 126 -31.48 -2.49 -20.12
CA GLU A 126 -31.45 -1.07 -20.47
C GLU A 126 -30.70 -0.25 -19.41
N LEU A 127 -30.88 -0.61 -18.14
CA LEU A 127 -30.15 0.08 -17.09
C LEU A 127 -28.63 -0.07 -17.26
N ILE A 128 -28.17 -1.27 -17.62
CA ILE A 128 -26.78 -1.51 -17.89
C ILE A 128 -26.27 -0.56 -18.98
N GLU A 129 -27.04 -0.38 -20.04
CA GLU A 129 -26.58 0.52 -21.12
C GLU A 129 -26.47 1.96 -20.63
N GLU A 130 -27.45 2.39 -19.83
CA GLU A 130 -27.40 3.74 -19.20
C GLU A 130 -26.19 3.88 -18.30
N ALA A 131 -25.90 2.85 -17.53
CA ALA A 131 -24.73 2.88 -16.68
C ALA A 131 -23.44 3.01 -17.49
N ARG A 132 -23.36 2.23 -18.56
CA ARG A 132 -22.21 2.25 -19.47
C ARG A 132 -21.99 3.66 -20.02
N GLU A 133 -23.10 4.26 -20.46
CA GLU A 133 -23.09 5.59 -21.05
C GLU A 133 -22.59 6.61 -20.05
N ARG A 134 -23.00 6.41 -18.78
CA ARG A 134 -22.69 7.33 -17.70
C ARG A 134 -21.37 7.01 -17.01
N LYS A 135 -20.59 6.07 -17.57
CA LYS A 135 -19.21 5.75 -17.13
C LYS A 135 -19.15 5.14 -15.75
N VAL A 136 -20.20 4.43 -15.36
CA VAL A 136 -20.10 3.52 -14.20
C VAL A 136 -19.07 2.45 -14.51
N HIS A 137 -18.21 2.14 -13.55
CA HIS A 137 -17.25 1.06 -13.72
C HIS A 137 -17.78 -0.27 -13.30
N VAL A 138 -18.41 -0.33 -12.14
CA VAL A 138 -18.97 -1.60 -11.64
C VAL A 138 -20.41 -1.42 -11.24
N LEU A 139 -21.27 -2.34 -11.70
CA LEU A 139 -22.60 -2.54 -11.11
C LEU A 139 -22.63 -3.68 -10.11
N ILE A 140 -23.23 -3.41 -8.97
CA ILE A 140 -23.42 -4.41 -7.93
C ILE A 140 -24.90 -4.75 -7.77
N ALA A 141 -25.23 -6.06 -7.64
CA ALA A 141 -26.56 -6.51 -7.26
C ALA A 141 -26.42 -7.21 -5.90
N GLY A 142 -27.30 -6.85 -4.97
CA GLY A 142 -27.48 -7.58 -3.72
C GLY A 142 -28.78 -8.30 -3.79
N ILE A 143 -28.73 -9.62 -3.74
CA ILE A 143 -29.86 -10.46 -3.98
C ILE A 143 -30.03 -11.43 -2.84
N GLU A 144 -31.26 -11.60 -2.41
CA GLU A 144 -31.55 -12.56 -1.37
C GLU A 144 -31.09 -13.92 -1.89
N ALA A 145 -30.30 -14.62 -1.12
CA ALA A 145 -29.51 -15.73 -1.67
C ALA A 145 -30.34 -16.88 -2.24
N GLY A 146 -31.58 -17.02 -1.73
CA GLY A 146 -32.47 -18.07 -2.15
C GLY A 146 -33.19 -17.78 -3.45
N ASN A 147 -33.06 -16.56 -3.94
CA ASN A 147 -33.82 -16.10 -5.12
C ASN A 147 -33.08 -16.55 -6.39
N ALA A 148 -33.15 -17.85 -6.66
CA ALA A 148 -32.38 -18.42 -7.79
C ALA A 148 -32.78 -17.75 -9.17
N ALA A 149 -34.06 -17.43 -9.30
CA ALA A 149 -34.54 -16.74 -10.49
C ALA A 149 -33.88 -15.41 -10.69
N SER A 150 -33.80 -14.61 -9.63
CA SER A 150 -33.13 -13.33 -9.78
C SER A 150 -31.64 -13.51 -10.10
N ILE A 151 -31.00 -14.47 -9.45
CA ILE A 151 -29.57 -14.72 -9.68
C ILE A 151 -29.35 -15.11 -11.16
N ALA A 152 -30.18 -16.02 -11.67
CA ALA A 152 -30.04 -16.47 -13.07
C ALA A 152 -30.31 -15.30 -14.05
N LEU A 153 -31.28 -14.45 -13.71
CA LEU A 153 -31.59 -13.29 -14.53
C LEU A 153 -30.36 -12.37 -14.64
N HIS A 154 -29.77 -12.03 -13.49
CA HIS A 154 -28.56 -11.22 -13.49
C HIS A 154 -27.42 -11.93 -14.19
N ARG A 155 -27.24 -13.22 -13.94
CA ARG A 155 -26.19 -13.96 -14.60
C ARG A 155 -26.30 -13.93 -16.13
N SER A 156 -27.53 -13.94 -16.62
CA SER A 156 -27.80 -13.88 -18.06
C SER A 156 -27.31 -12.60 -18.70
N GLN A 157 -27.14 -11.57 -17.89
CA GLN A 157 -26.66 -10.30 -18.37
C GLN A 157 -25.18 -10.07 -18.04
N GLY A 158 -24.47 -11.10 -17.59
CA GLY A 158 -23.04 -11.00 -17.44
C GLY A 158 -22.57 -10.69 -16.06
N PHE A 159 -23.49 -10.67 -15.07
CA PHE A 159 -23.11 -10.57 -13.69
C PHE A 159 -22.49 -11.90 -13.22
N GLU A 160 -21.49 -11.82 -12.33
CA GLU A 160 -20.85 -13.00 -11.69
CA GLU A 160 -20.88 -12.99 -11.69
C GLU A 160 -21.07 -12.93 -10.20
N GLU A 161 -21.11 -14.09 -9.55
CA GLU A 161 -21.23 -14.10 -8.09
C GLU A 161 -19.93 -13.70 -7.42
N CYS A 162 -20.06 -12.92 -6.37
CA CYS A 162 -18.94 -12.50 -5.54
C CYS A 162 -18.90 -13.39 -4.32
N GLY A 163 -20.03 -13.56 -3.66
CA GLY A 163 -20.09 -14.29 -2.41
C GLY A 163 -21.29 -13.91 -1.59
N THR A 164 -21.48 -14.62 -0.48
CA THR A 164 -22.69 -14.47 0.31
C THR A 164 -22.38 -14.07 1.74
N LEU A 165 -23.09 -13.06 2.20
CA LEU A 165 -23.04 -12.67 3.62
C LEU A 165 -24.26 -13.21 4.30
N LYS A 166 -24.03 -14.18 5.16
CA LYS A 166 -25.08 -14.87 5.83
C LYS A 166 -25.66 -14.12 7.01
N GLN A 167 -26.99 -14.14 7.08
CA GLN A 167 -27.76 -13.62 8.20
CA GLN A 167 -27.80 -13.61 8.18
C GLN A 167 -27.60 -12.12 8.42
N VAL A 168 -27.23 -11.41 7.38
CA VAL A 168 -27.00 -9.95 7.48
C VAL A 168 -28.27 -9.12 7.40
N GLY A 169 -29.36 -9.74 6.96
CA GLY A 169 -30.66 -9.08 6.94
C GLY A 169 -31.65 -9.77 7.81
N GLN A 170 -32.73 -9.07 8.12
CA GLN A 170 -33.83 -9.65 8.82
C GLN A 170 -35.13 -9.11 8.23
N LYS A 171 -36.09 -10.01 8.00
CA LYS A 171 -37.45 -9.61 7.57
C LYS A 171 -38.43 -10.72 7.95
N PHE A 172 -39.65 -10.34 8.35
CA PHE A 172 -40.67 -11.32 8.74
C PHE A 172 -40.14 -12.26 9.81
N GLY A 173 -39.25 -11.74 10.66
CA GLY A 173 -38.68 -12.50 11.76
C GLY A 173 -37.61 -13.50 11.35
N ARG A 174 -37.21 -13.48 10.10
CA ARG A 174 -36.25 -14.46 9.57
C ARG A 174 -34.90 -13.78 9.34
N TRP A 175 -33.80 -14.47 9.64
CA TRP A 175 -32.48 -14.02 9.16
C TRP A 175 -32.37 -14.40 7.70
N LEU A 176 -31.78 -13.50 6.92
CA LEU A 176 -31.69 -13.60 5.49
C LEU A 176 -30.24 -13.41 5.03
N ASP A 177 -29.91 -14.09 3.94
CA ASP A 177 -28.57 -14.11 3.40
C ASP A 177 -28.49 -13.25 2.18
N LEU A 178 -27.42 -12.44 2.07
CA LEU A 178 -27.26 -11.53 0.95
C LEU A 178 -26.17 -12.02 0.00
N LEU A 179 -26.53 -12.29 -1.26
CA LEU A 179 -25.55 -12.65 -2.27
C LEU A 179 -25.23 -11.41 -3.06
N PHE A 180 -23.94 -11.10 -3.20
CA PHE A 180 -23.51 -10.04 -4.05
C PHE A 180 -23.09 -10.63 -5.42
N MET A 181 -23.53 -9.95 -6.49
CA MET A 181 -23.05 -10.18 -7.85
C MET A 181 -22.59 -8.88 -8.40
N GLN A 182 -21.74 -8.96 -9.41
CA GLN A 182 -21.15 -7.74 -9.98
C GLN A 182 -21.00 -7.91 -11.47
N LYS A 183 -20.99 -6.77 -12.13
CA LYS A 183 -20.69 -6.67 -13.56
C LYS A 183 -19.71 -5.50 -13.77
N ILE A 184 -18.57 -5.75 -14.39
CA ILE A 184 -17.58 -4.67 -14.65
C ILE A 184 -17.84 -4.17 -16.06
N LEU A 185 -18.01 -2.87 -16.17
CA LEU A 185 -18.36 -2.25 -17.42
C LEU A 185 -17.09 -1.71 -18.10
N MET B 22 4.66 -1.63 26.46
CA MET B 22 4.04 -1.56 27.83
C MET B 22 2.52 -1.89 27.80
N THR B 23 1.90 -1.76 28.96
CA THR B 23 0.49 -2.10 29.19
C THR B 23 -0.49 -1.24 28.34
N LEU B 24 -1.43 -1.92 27.69
CA LEU B 24 -2.43 -1.28 26.86
C LEU B 24 -3.72 -1.06 27.65
N LEU B 25 -4.18 0.19 27.73
CA LEU B 25 -5.49 0.46 28.32
C LEU B 25 -6.51 0.61 27.18
N ILE B 26 -7.57 -0.17 27.18
CA ILE B 26 -8.65 -0.02 26.17
C ILE B 26 -9.83 0.69 26.83
N ARG B 27 -10.28 1.79 26.26
CA ARG B 27 -11.39 2.54 26.85
C ARG B 27 -12.15 3.21 25.72
N HIS B 28 -13.26 3.88 26.05
CA HIS B 28 -13.99 4.65 25.03
C HIS B 28 -13.34 5.99 24.71
N ALA B 29 -13.52 6.41 23.46
CA ALA B 29 -12.99 7.68 22.99
C ALA B 29 -13.74 8.86 23.60
N THR B 30 -13.01 9.93 23.92
CA THR B 30 -13.62 11.21 24.30
C THR B 30 -13.16 12.31 23.36
N GLU B 31 -13.71 13.53 23.52
CA GLU B 31 -13.30 14.70 22.69
CA GLU B 31 -13.29 14.67 22.66
C GLU B 31 -11.80 14.89 22.79
N ALA B 32 -11.23 14.63 23.98
CA ALA B 32 -9.77 14.85 24.21
C ALA B 32 -8.89 14.00 23.31
N ASP B 33 -9.42 12.89 22.84
CA ASP B 33 -8.67 11.95 21.98
C ASP B 33 -8.71 12.35 20.49
N LEU B 34 -9.47 13.38 20.11
CA LEU B 34 -9.70 13.64 18.70
C LEU B 34 -8.41 13.99 17.94
N PRO B 35 -7.46 14.71 18.58
CA PRO B 35 -6.21 14.97 17.85
C PRO B 35 -5.50 13.69 17.46
N ALA B 36 -5.49 12.72 18.36
CA ALA B 36 -4.86 11.44 18.09
C ALA B 36 -5.61 10.66 17.00
N LEU B 37 -6.93 10.65 17.13
CA LEU B 37 -7.78 9.96 16.14
C LEU B 37 -7.58 10.54 14.73
N LEU B 38 -7.49 11.85 14.68
CA LEU B 38 -7.25 12.58 13.45
C LEU B 38 -5.91 12.19 12.82
N ALA B 39 -4.86 12.18 13.62
CA ALA B 39 -3.53 11.88 13.12
C ALA B 39 -3.47 10.44 12.56
N ILE B 40 -4.03 9.51 13.31
CA ILE B 40 -4.07 8.12 12.89
C ILE B 40 -4.89 7.97 11.59
N TYR B 41 -6.03 8.60 11.53
CA TYR B 41 -6.88 8.50 10.35
C TYR B 41 -6.18 9.10 9.12
N ASN B 42 -5.62 10.30 9.27
CA ASN B 42 -4.96 10.95 8.14
C ASN B 42 -3.73 10.20 7.69
N ASP B 43 -3.06 9.54 8.60
CA ASP B 43 -1.91 8.75 8.20
C ASP B 43 -2.35 7.63 7.26
N ALA B 44 -3.44 6.98 7.62
CA ALA B 44 -3.97 5.91 6.78
C ALA B 44 -4.50 6.47 5.43
N VAL B 45 -5.06 7.66 5.45
CA VAL B 45 -5.48 8.30 4.20
C VAL B 45 -4.29 8.53 3.30
N GLU B 46 -3.22 9.09 3.85
CA GLU B 46 -2.04 9.42 3.05
C GLU B 46 -1.24 8.24 2.52
N ASN B 47 -1.07 7.23 3.37
CA ASN B 47 0.02 6.28 3.20
C ASN B 47 -0.41 4.85 2.86
N THR B 48 -1.71 4.56 2.89
CA THR B 48 -2.15 3.15 2.86
C THR B 48 -3.35 2.93 1.95
N LEU B 49 -3.68 1.67 1.74
CA LEU B 49 -4.91 1.31 1.08
C LEU B 49 -6.01 0.86 2.08
N ALA B 50 -5.92 1.30 3.34
CA ALA B 50 -6.89 0.93 4.37
C ALA B 50 -8.12 1.82 4.36
N ILE B 51 -7.95 3.04 3.88
CA ILE B 51 -9.07 3.97 3.72
C ILE B 51 -9.03 4.39 2.27
N TRP B 52 -10.15 4.26 1.54
CA TRP B 52 -10.09 4.44 0.09
C TRP B 52 -10.28 5.91 -0.37
N ASN B 53 -10.30 6.79 0.61
CA ASN B 53 -10.37 8.24 0.37
CA ASN B 53 -10.38 8.22 0.39
C ASN B 53 -8.96 8.79 0.31
N GLU B 54 -8.74 9.84 -0.48
CA GLU B 54 -7.46 10.57 -0.48
C GLU B 54 -7.54 11.90 0.26
N THR B 55 -8.72 12.22 0.77
CA THR B 55 -8.96 13.53 1.34
C THR B 55 -8.64 13.50 2.82
N LEU B 56 -7.68 14.32 3.23
CA LEU B 56 -7.37 14.51 4.63
C LEU B 56 -8.56 15.19 5.31
N VAL B 57 -8.82 14.84 6.55
CA VAL B 57 -9.89 15.48 7.28
C VAL B 57 -9.35 16.37 8.36
N ASP B 58 -10.24 17.11 9.00
CA ASP B 58 -9.84 18.04 10.08
C ASP B 58 -10.52 17.69 11.39
N LEU B 59 -10.23 18.46 12.44
CA LEU B 59 -10.81 18.19 13.77
C LEU B 59 -12.31 18.23 13.77
N GLU B 60 -12.90 19.19 13.05
CA GLU B 60 -14.35 19.26 12.94
C GLU B 60 -14.95 17.98 12.39
N ASN B 61 -14.37 17.48 11.31
CA ASN B 61 -14.80 16.23 10.76
C ASN B 61 -14.77 15.10 11.81
N ARG B 62 -13.68 14.99 12.55
CA ARG B 62 -13.58 13.95 13.56
C ARG B 62 -14.54 14.18 14.73
N HIS B 63 -14.76 15.41 15.14
CA HIS B 63 -15.80 15.67 16.13
CA HIS B 63 -15.79 15.73 16.13
C HIS B 63 -17.14 15.16 15.65
N GLN B 64 -17.50 15.47 14.39
CA GLN B 64 -18.83 15.04 13.92
C GLN B 64 -18.90 13.52 13.83
N TRP B 65 -17.80 12.89 13.39
CA TRP B 65 -17.74 11.42 13.27
C TRP B 65 -17.97 10.79 14.63
N LEU B 66 -17.26 11.28 15.64
CA LEU B 66 -17.42 10.69 17.00
C LEU B 66 -18.83 10.98 17.58
N GLU B 67 -19.28 12.19 17.38
CA GLU B 67 -20.62 12.61 17.82
CA GLU B 67 -20.61 12.62 17.85
C GLU B 67 -21.71 11.73 17.22
N ASN B 68 -21.62 11.45 15.92
CA ASN B 68 -22.61 10.63 15.25
C ASN B 68 -22.55 9.16 15.70
N ARG B 69 -21.33 8.65 15.92
CA ARG B 69 -21.17 7.36 16.60
C ARG B 69 -21.80 7.37 17.97
N ASN B 70 -21.44 8.31 18.83
CA ASN B 70 -21.99 8.38 20.20
C ASN B 70 -23.55 8.50 20.08
N ARG B 71 -24.05 9.33 19.13
CA ARG B 71 -25.51 9.54 18.98
C ARG B 71 -26.27 8.24 18.65
N ASP B 72 -25.74 7.42 17.74
CA ASP B 72 -26.42 6.19 17.34
C ASP B 72 -26.08 5.00 18.24
N GLY B 73 -25.23 5.19 19.22
CA GLY B 73 -24.84 4.12 20.18
C GLY B 73 -23.90 3.11 19.59
N PHE B 74 -23.11 3.54 18.60
CA PHE B 74 -22.00 2.73 18.09
C PHE B 74 -20.69 3.09 18.78
N PRO B 75 -20.05 2.10 19.39
CA PRO B 75 -18.86 2.38 20.19
C PRO B 75 -17.66 2.85 19.38
N VAL B 76 -16.84 3.71 20.01
CA VAL B 76 -15.49 4.01 19.53
C VAL B 76 -14.54 3.70 20.69
N LEU B 77 -13.65 2.73 20.49
CA LEU B 77 -12.67 2.34 21.51
C LEU B 77 -11.32 2.87 21.09
N VAL B 78 -10.55 3.32 22.08
CA VAL B 78 -9.16 3.65 21.84
C VAL B 78 -8.23 2.74 22.68
N ALA B 79 -7.03 2.54 22.15
CA ALA B 79 -5.97 1.87 22.86
C ALA B 79 -4.95 2.93 23.33
N GLU B 80 -4.64 2.92 24.61
CA GLU B 80 -3.79 3.96 25.21
C GLU B 80 -2.55 3.29 25.80
N ARG B 81 -1.38 3.81 25.48
CA ARG B 81 -0.10 3.26 25.98
C ARG B 81 0.79 4.43 26.37
N GLU B 82 1.33 4.37 27.59
CA GLU B 82 2.15 5.46 28.15
C GLU B 82 1.49 6.82 28.01
N GLY B 83 0.17 6.84 28.21
CA GLY B 83 -0.63 8.05 28.08
C GLY B 83 -0.98 8.48 26.67
N GLN B 84 -0.57 7.69 25.68
CA GLN B 84 -0.72 8.06 24.28
C GLN B 84 -1.71 7.10 23.58
N VAL B 85 -2.65 7.67 22.85
CA VAL B 85 -3.58 6.84 22.06
C VAL B 85 -2.77 6.31 20.88
N VAL B 86 -2.74 5.00 20.73
CA VAL B 86 -1.95 4.35 19.67
C VAL B 86 -2.78 3.56 18.69
N GLY B 87 -4.11 3.67 18.80
CA GLY B 87 -4.99 2.94 17.90
C GLY B 87 -6.42 3.14 18.29
N TYR B 88 -7.34 2.83 17.38
CA TYR B 88 -8.74 2.91 17.72
C TYR B 88 -9.54 1.98 16.86
N ALA B 89 -10.75 1.72 17.29
CA ALA B 89 -11.67 0.82 16.53
C ALA B 89 -13.11 1.22 16.73
N SER B 90 -13.96 0.94 15.75
CA SER B 90 -15.36 1.25 15.89
C SER B 90 -16.13 0.33 14.94
N TYR B 91 -17.45 0.33 15.10
CA TYR B 91 -18.32 -0.18 14.02
C TYR B 91 -19.46 0.77 13.81
N GLY B 92 -20.08 0.65 12.64
CA GLY B 92 -21.17 1.49 12.21
C GLY B 92 -22.06 0.71 11.27
N PRO B 93 -23.05 1.40 10.71
CA PRO B 93 -23.98 0.76 9.83
C PRO B 93 -23.37 0.08 8.62
N PHE B 94 -23.89 -1.11 8.29
CA PHE B 94 -23.42 -1.84 7.13
C PHE B 94 -24.11 -1.30 5.91
N ARG B 95 -25.44 -1.27 5.94
CA ARG B 95 -26.27 -0.68 4.91
C ARG B 95 -27.44 0.07 5.57
N PRO B 96 -27.98 1.09 4.87
CA PRO B 96 -29.02 1.94 5.47
C PRO B 96 -30.33 1.22 5.88
N PHE B 97 -30.81 0.31 5.03
CA PHE B 97 -32.16 -0.22 5.17
C PHE B 97 -32.41 -0.80 6.57
N GLU B 98 -33.64 -0.68 7.09
CA GLU B 98 -33.97 -1.21 8.41
C GLU B 98 -33.68 -2.76 8.53
N GLY B 99 -33.72 -3.45 7.39
CA GLY B 99 -33.46 -4.85 7.39
C GLY B 99 -32.07 -5.23 7.79
N PHE B 100 -31.14 -4.26 7.75
CA PHE B 100 -29.74 -4.54 8.11
C PHE B 100 -29.38 -4.07 9.50
N ARG B 101 -30.39 -3.73 10.30
CA ARG B 101 -30.12 -3.02 11.56
C ARG B 101 -29.27 -3.84 12.55
N HIS B 102 -29.25 -5.16 12.43
CA HIS B 102 -28.46 -6.00 13.35
C HIS B 102 -27.08 -6.36 12.77
N SER B 103 -26.76 -5.73 11.64
CA SER B 103 -25.47 -5.87 11.04
C SER B 103 -24.67 -4.59 11.09
N SER B 104 -23.40 -4.71 11.49
CA SER B 104 -22.50 -3.55 11.61
C SER B 104 -21.18 -3.82 10.94
N GLU B 105 -20.61 -2.80 10.31
CA GLU B 105 -19.30 -2.95 9.67
C GLU B 105 -18.25 -2.33 10.58
N LEU B 106 -17.16 -3.05 10.81
CA LEU B 106 -16.16 -2.62 11.77
CA LEU B 106 -16.17 -2.59 11.77
C LEU B 106 -14.88 -2.12 11.09
N SER B 107 -14.11 -1.29 11.80
CA SER B 107 -12.81 -0.80 11.35
C SER B 107 -11.88 -0.73 12.54
N VAL B 108 -10.63 -1.14 12.32
CA VAL B 108 -9.56 -1.02 13.35
C VAL B 108 -8.37 -0.29 12.71
N TYR B 109 -7.83 0.71 13.41
CA TYR B 109 -6.70 1.46 12.96
C TYR B 109 -5.63 1.44 14.04
N VAL B 110 -4.43 1.01 13.67
CA VAL B 110 -3.24 1.10 14.55
C VAL B 110 -2.32 2.17 14.01
N ALA B 111 -1.80 3.02 14.89
CA ALA B 111 -0.77 3.98 14.48
C ALA B 111 0.40 3.24 13.78
N SER B 112 0.86 3.81 12.67
CA SER B 112 1.92 3.20 11.86
CA SER B 112 1.92 3.20 11.86
C SER B 112 3.19 2.87 12.68
N ASN B 113 3.48 3.69 13.67
CA ASN B 113 4.66 3.48 14.53
C ASN B 113 4.47 2.34 15.54
N ALA B 114 3.27 1.80 15.66
CA ALA B 114 3.00 0.88 16.72
C ALA B 114 2.49 -0.45 16.25
N ARG B 115 2.84 -0.85 15.02
CA ARG B 115 2.36 -2.12 14.46
C ARG B 115 2.99 -3.38 15.17
N GLY B 116 2.25 -4.49 15.24
CA GLY B 116 2.84 -5.83 15.61
C GLY B 116 2.71 -6.28 17.07
N GLY B 117 2.26 -5.35 17.91
CA GLY B 117 2.39 -5.47 19.37
C GLY B 117 1.14 -5.91 20.09
N GLY B 118 0.10 -6.20 19.31
CA GLY B 118 -1.13 -6.70 19.89
C GLY B 118 -2.22 -5.64 19.97
N ILE B 119 -1.95 -4.43 19.48
CA ILE B 119 -2.93 -3.32 19.62
C ILE B 119 -4.17 -3.59 18.75
N GLY B 120 -3.97 -3.91 17.47
CA GLY B 120 -5.08 -4.20 16.57
C GLY B 120 -5.89 -5.38 17.04
N ARG B 121 -5.22 -6.47 17.43
CA ARG B 121 -5.92 -7.67 17.91
C ARG B 121 -6.68 -7.44 19.18
N THR B 122 -6.10 -6.70 20.12
CA THR B 122 -6.76 -6.38 21.38
C THR B 122 -8.00 -5.48 21.12
N LEU B 123 -7.84 -4.50 20.26
CA LEU B 123 -8.95 -3.62 19.91
C LEU B 123 -10.08 -4.43 19.28
N LEU B 124 -9.74 -5.28 18.33
CA LEU B 124 -10.73 -6.09 17.65
C LEU B 124 -11.46 -7.00 18.65
N ALA B 125 -10.72 -7.68 19.50
CA ALA B 125 -11.32 -8.55 20.53
C ALA B 125 -12.30 -7.76 21.42
N GLU B 126 -11.91 -6.57 21.85
CA GLU B 126 -12.79 -5.77 22.73
C GLU B 126 -14.03 -5.26 22.02
N LEU B 127 -13.88 -4.93 20.75
CA LEU B 127 -14.97 -4.42 19.97
C LEU B 127 -15.98 -5.50 19.75
N ILE B 128 -15.50 -6.71 19.45
CA ILE B 128 -16.34 -7.90 19.32
C ILE B 128 -17.17 -8.10 20.61
N GLU B 129 -16.55 -8.00 21.79
CA GLU B 129 -17.29 -8.13 23.04
CA GLU B 129 -17.28 -8.13 23.03
C GLU B 129 -18.34 -7.04 23.18
N GLU B 130 -18.01 -5.80 22.78
CA GLU B 130 -18.99 -4.69 22.80
C GLU B 130 -20.18 -5.02 21.94
N ALA B 131 -19.90 -5.47 20.71
CA ALA B 131 -20.95 -5.81 19.77
C ALA B 131 -21.89 -6.84 20.37
N ARG B 132 -21.33 -7.86 21.03
CA ARG B 132 -22.15 -8.92 21.64
C ARG B 132 -23.07 -8.31 22.69
N GLU B 133 -22.51 -7.47 23.55
CA GLU B 133 -23.31 -6.86 24.64
C GLU B 133 -24.41 -5.98 24.09
N ARG B 134 -24.20 -5.37 22.91
CA ARG B 134 -25.17 -4.50 22.31
C ARG B 134 -26.08 -5.21 21.30
N LYS B 135 -25.97 -6.52 21.25
CA LYS B 135 -26.87 -7.40 20.49
C LYS B 135 -26.72 -7.24 18.99
N VAL B 136 -25.55 -6.84 18.56
CA VAL B 136 -25.27 -6.91 17.14
C VAL B 136 -25.29 -8.39 16.75
N HIS B 137 -25.86 -8.72 15.60
CA HIS B 137 -25.92 -10.11 15.13
C HIS B 137 -24.75 -10.52 14.22
N VAL B 138 -24.36 -9.62 13.33
CA VAL B 138 -23.27 -9.88 12.43
C VAL B 138 -22.31 -8.71 12.41
N LEU B 139 -21.02 -8.98 12.61
CA LEU B 139 -19.97 -7.99 12.25
C LEU B 139 -19.38 -8.27 10.86
N ILE B 140 -19.25 -7.22 10.06
CA ILE B 140 -18.70 -7.30 8.73
C ILE B 140 -17.35 -6.50 8.68
N ALA B 141 -16.31 -7.10 8.08
CA ALA B 141 -15.07 -6.39 7.78
C ALA B 141 -14.94 -6.31 6.28
N GLY B 142 -14.57 -5.13 5.81
CA GLY B 142 -14.31 -4.93 4.41
C GLY B 142 -12.84 -4.63 4.30
N ILE B 143 -12.11 -5.52 3.65
CA ILE B 143 -10.66 -5.49 3.66
C ILE B 143 -10.14 -5.39 2.25
N GLU B 144 -9.13 -4.55 2.03
CA GLU B 144 -8.52 -4.45 0.71
C GLU B 144 -7.90 -5.81 0.40
N ALA B 145 -8.23 -6.38 -0.75
CA ALA B 145 -8.07 -7.84 -0.96
C ALA B 145 -6.63 -8.28 -0.97
N GLY B 146 -5.71 -7.34 -1.19
CA GLY B 146 -4.29 -7.64 -1.28
C GLY B 146 -3.64 -7.71 0.09
N ASN B 147 -4.38 -7.37 1.16
CA ASN B 147 -3.80 -7.29 2.51
C ASN B 147 -3.90 -8.59 3.31
N ALA B 148 -2.95 -9.49 3.04
CA ALA B 148 -2.99 -10.86 3.55
C ALA B 148 -2.94 -10.86 5.07
N ALA B 149 -2.21 -9.91 5.65
CA ALA B 149 -2.02 -9.87 7.11
C ALA B 149 -3.34 -9.57 7.80
N SER B 150 -4.01 -8.52 7.34
CA SER B 150 -5.31 -8.17 7.88
C SER B 150 -6.35 -9.30 7.74
N ILE B 151 -6.38 -9.96 6.57
CA ILE B 151 -7.23 -11.06 6.33
C ILE B 151 -7.00 -12.20 7.33
N ALA B 152 -5.73 -12.56 7.57
CA ALA B 152 -5.46 -13.68 8.50
C ALA B 152 -5.79 -13.31 9.95
N LEU B 153 -5.52 -12.07 10.31
CA LEU B 153 -5.80 -11.63 11.65
C LEU B 153 -7.27 -11.60 11.94
N HIS B 154 -8.07 -11.16 10.98
CA HIS B 154 -9.52 -11.28 11.13
C HIS B 154 -9.92 -12.75 11.22
N ARG B 155 -9.37 -13.59 10.35
CA ARG B 155 -9.66 -15.02 10.42
C ARG B 155 -9.39 -15.62 11.80
N SER B 156 -8.32 -15.16 12.40
CA SER B 156 -7.86 -15.71 13.65
C SER B 156 -8.83 -15.41 14.81
N GLN B 157 -9.68 -14.38 14.67
CA GLN B 157 -10.73 -14.13 15.66
C GLN B 157 -12.12 -14.62 15.20
N GLY B 158 -12.13 -15.55 14.26
CA GLY B 158 -13.37 -16.20 13.87
C GLY B 158 -14.14 -15.58 12.70
N PHE B 159 -13.57 -14.60 12.01
CA PHE B 159 -14.18 -14.14 10.77
C PHE B 159 -13.99 -15.11 9.60
N GLU B 160 -15.00 -15.22 8.77
CA GLU B 160 -14.97 -16.02 7.57
C GLU B 160 -15.05 -15.19 6.32
N GLU B 161 -14.31 -15.60 5.28
CA GLU B 161 -14.41 -14.94 3.98
C GLU B 161 -15.78 -15.12 3.38
N CYS B 162 -16.32 -14.06 2.80
CA CYS B 162 -17.59 -14.12 2.09
C CYS B 162 -17.33 -14.15 0.57
N GLY B 163 -16.42 -13.32 0.10
CA GLY B 163 -16.30 -13.05 -1.34
C GLY B 163 -15.68 -11.70 -1.62
N THR B 164 -15.20 -11.55 -2.84
CA THR B 164 -14.48 -10.34 -3.23
C THR B 164 -15.26 -9.64 -4.29
N LEU B 165 -15.40 -8.32 -4.12
CA LEU B 165 -15.98 -7.45 -5.15
C LEU B 165 -14.80 -6.80 -5.86
N LYS B 166 -14.60 -7.17 -7.13
CA LYS B 166 -13.43 -6.71 -7.86
C LYS B 166 -13.61 -5.30 -8.41
N GLN B 167 -12.55 -4.49 -8.28
CA GLN B 167 -12.48 -3.14 -8.79
C GLN B 167 -13.60 -2.22 -8.36
N VAL B 168 -14.13 -2.42 -7.16
CA VAL B 168 -15.22 -1.57 -6.67
C VAL B 168 -14.74 -0.32 -6.06
N GLY B 169 -13.44 -0.24 -5.75
CA GLY B 169 -12.83 0.98 -5.22
C GLY B 169 -11.78 1.54 -6.16
N GLN B 170 -11.39 2.77 -5.88
CA GLN B 170 -10.31 3.38 -6.62
C GLN B 170 -9.53 4.27 -5.65
N LYS B 171 -8.21 4.16 -5.67
CA LYS B 171 -7.35 5.13 -4.99
C LYS B 171 -6.05 5.25 -5.77
N PHE B 172 -5.47 6.45 -5.79
CA PHE B 172 -4.25 6.69 -6.56
C PHE B 172 -4.38 6.24 -8.01
N GLY B 173 -5.57 6.31 -8.58
CA GLY B 173 -5.82 5.87 -9.96
C GLY B 173 -5.78 4.37 -10.21
N ARG B 174 -5.79 3.58 -9.16
CA ARG B 174 -5.82 2.16 -9.31
C ARG B 174 -7.12 1.61 -8.81
N TRP B 175 -7.67 0.68 -9.58
CA TRP B 175 -8.83 -0.12 -9.12
C TRP B 175 -8.45 -1.05 -7.95
N LEU B 176 -9.31 -1.08 -6.93
CA LEU B 176 -9.13 -1.85 -5.71
C LEU B 176 -10.24 -2.86 -5.50
N ASP B 177 -9.88 -4.01 -4.94
CA ASP B 177 -10.81 -5.11 -4.69
C ASP B 177 -11.15 -5.14 -3.22
N LEU B 178 -12.41 -5.34 -2.91
CA LEU B 178 -12.89 -5.41 -1.54
C LEU B 178 -13.28 -6.82 -1.18
N LEU B 179 -12.62 -7.37 -0.18
CA LEU B 179 -12.95 -8.66 0.36
C LEU B 179 -13.81 -8.44 1.57
N PHE B 180 -14.98 -9.08 1.59
CA PHE B 180 -15.82 -9.03 2.79
C PHE B 180 -15.58 -10.29 3.64
N MET B 181 -15.52 -10.13 4.95
CA MET B 181 -15.51 -11.23 5.88
C MET B 181 -16.60 -10.92 6.88
N GLN B 182 -17.06 -11.95 7.60
CA GLN B 182 -18.07 -11.76 8.63
C GLN B 182 -17.88 -12.64 9.83
N LYS B 183 -18.42 -12.16 10.95
CA LYS B 183 -18.47 -12.95 12.17
C LYS B 183 -19.88 -12.83 12.72
N ILE B 184 -20.52 -13.96 12.94
CA ILE B 184 -21.89 -14.02 13.42
C ILE B 184 -21.86 -14.24 14.91
N LEU B 185 -22.53 -13.37 15.66
CA LEU B 185 -22.46 -13.36 17.09
C LEU B 185 -23.67 -14.09 17.69
N LEU C 24 -4.56 -12.76 -16.94
CA LEU C 24 -3.17 -12.28 -16.62
C LEU C 24 -2.22 -13.42 -16.24
N LEU C 25 -1.24 -13.66 -17.12
CA LEU C 25 -0.26 -14.70 -16.92
C LEU C 25 1.02 -14.09 -16.35
N ILE C 26 1.58 -14.73 -15.32
CA ILE C 26 2.90 -14.31 -14.80
C ILE C 26 3.89 -15.40 -15.18
N ARG C 27 5.02 -15.03 -15.78
CA ARG C 27 6.03 -16.04 -16.19
C ARG C 27 7.39 -15.37 -16.24
N HIS C 28 8.44 -16.13 -16.48
CA HIS C 28 9.77 -15.52 -16.57
C HIS C 28 10.01 -14.89 -17.92
N ALA C 29 10.84 -13.86 -17.92
CA ALA C 29 11.12 -13.13 -19.11
C ALA C 29 12.05 -13.96 -20.00
N THR C 30 11.89 -13.83 -21.32
CA THR C 30 12.87 -14.35 -22.28
C THR C 30 13.30 -13.22 -23.20
N GLU C 31 14.23 -13.53 -24.09
CA GLU C 31 14.72 -12.57 -25.04
C GLU C 31 13.63 -11.99 -25.91
N ALA C 32 12.57 -12.76 -26.20
CA ALA C 32 11.50 -12.33 -27.09
C ALA C 32 10.70 -11.20 -26.45
N ASP C 33 10.79 -11.10 -25.14
CA ASP C 33 10.13 -10.03 -24.37
C ASP C 33 10.95 -8.70 -24.33
N LEU C 34 12.18 -8.70 -24.82
CA LEU C 34 13.01 -7.52 -24.66
C LEU C 34 12.48 -6.21 -25.30
N PRO C 35 11.87 -6.29 -26.50
CA PRO C 35 11.24 -5.06 -27.06
C PRO C 35 10.22 -4.45 -26.10
N ALA C 36 9.43 -5.30 -25.46
CA ALA C 36 8.42 -4.84 -24.51
C ALA C 36 9.07 -4.26 -23.27
N LEU C 37 10.02 -4.98 -22.72
CA LEU C 37 10.74 -4.53 -21.53
C LEU C 37 11.43 -3.20 -21.80
N LEU C 38 12.01 -3.06 -22.99
CA LEU C 38 12.70 -1.82 -23.37
C LEU C 38 11.70 -0.64 -23.38
N ALA C 39 10.55 -0.84 -24.01
CA ALA C 39 9.55 0.23 -24.12
C ALA C 39 9.06 0.70 -22.77
N ILE C 40 8.78 -0.26 -21.89
CA ILE C 40 8.32 0.04 -20.54
C ILE C 40 9.38 0.82 -19.76
N TYR C 41 10.63 0.38 -19.87
CA TYR C 41 11.72 0.97 -19.12
C TYR C 41 11.95 2.39 -19.60
N ASN C 42 12.08 2.56 -20.92
CA ASN C 42 12.29 3.89 -21.48
C ASN C 42 11.15 4.85 -21.23
N ASP C 43 9.91 4.33 -21.19
CA ASP C 43 8.76 5.20 -20.85
C ASP C 43 8.96 5.82 -19.45
N ALA C 44 9.34 4.98 -18.48
CA ALA C 44 9.61 5.47 -17.13
C ALA C 44 10.81 6.43 -17.09
N VAL C 45 11.82 6.16 -17.91
CA VAL C 45 13.00 7.01 -17.97
C VAL C 45 12.57 8.38 -18.47
N GLU C 46 11.79 8.39 -19.55
CA GLU C 46 11.40 9.65 -20.17
C GLU C 46 10.39 10.47 -19.38
N ASN C 47 9.46 9.81 -18.68
CA ASN C 47 8.22 10.46 -18.30
C ASN C 47 7.95 10.54 -16.82
N THR C 48 8.80 9.94 -15.99
CA THR C 48 8.44 9.72 -14.56
C THR C 48 9.66 9.90 -13.68
N LEU C 49 9.46 9.78 -12.36
CA LEU C 49 10.57 9.71 -11.36
C LEU C 49 10.81 8.32 -10.78
N ALA C 50 10.49 7.27 -11.51
CA ALA C 50 10.68 5.90 -11.01
C ALA C 50 12.06 5.34 -11.26
N ILE C 51 12.70 5.89 -12.27
CA ILE C 51 14.05 5.53 -12.64
C ILE C 51 14.76 6.89 -12.68
N TRP C 52 15.80 7.04 -11.88
CA TRP C 52 16.35 8.37 -11.74
C TRP C 52 17.28 8.87 -12.88
N ASN C 53 17.59 7.95 -13.80
CA ASN C 53 18.40 8.22 -15.00
C ASN C 53 17.55 8.88 -16.08
N GLU C 54 18.16 9.74 -16.88
CA GLU C 54 17.46 10.40 -17.99
C GLU C 54 17.91 9.83 -19.32
N THR C 55 18.77 8.85 -19.28
CA THR C 55 19.31 8.33 -20.50
C THR C 55 18.53 7.10 -20.98
N LEU C 56 18.02 7.21 -22.18
CA LEU C 56 17.26 6.12 -22.78
C LEU C 56 18.23 5.02 -23.09
N VAL C 57 17.78 3.79 -22.97
CA VAL C 57 18.62 2.62 -23.32
C VAL C 57 18.17 1.96 -24.62
N ASP C 58 18.96 1.02 -25.10
CA ASP C 58 18.60 0.26 -26.27
C ASP C 58 18.45 -1.22 -26.01
N LEU C 59 18.12 -1.95 -27.06
CA LEU C 59 17.92 -3.40 -26.96
C LEU C 59 19.17 -4.12 -26.44
N GLU C 60 20.35 -3.65 -26.84
CA GLU C 60 21.60 -4.24 -26.33
C GLU C 60 21.71 -4.16 -24.83
N ASN C 61 21.45 -2.96 -24.30
CA ASN C 61 21.47 -2.74 -22.89
C ASN C 61 20.52 -3.73 -22.17
N ARG C 62 19.31 -3.86 -22.71
CA ARG C 62 18.36 -4.74 -22.07
C ARG C 62 18.74 -6.23 -22.17
N HIS C 63 19.29 -6.65 -23.33
CA HIS C 63 19.85 -8.01 -23.51
C HIS C 63 20.85 -8.25 -22.35
N GLN C 64 21.76 -7.29 -22.14
CA GLN C 64 22.78 -7.51 -21.08
C GLN C 64 22.18 -7.52 -19.67
N TRP C 65 21.18 -6.66 -19.43
CA TRP C 65 20.53 -6.62 -18.14
C TRP C 65 19.87 -7.98 -17.79
N LEU C 66 19.08 -8.48 -18.74
CA LEU C 66 18.44 -9.80 -18.59
C LEU C 66 19.48 -10.92 -18.45
N GLU C 67 20.48 -10.88 -19.31
CA GLU C 67 21.53 -11.88 -19.29
C GLU C 67 22.24 -11.88 -17.93
N ASN C 68 22.54 -10.71 -17.39
CA ASN C 68 23.22 -10.70 -16.13
C ASN C 68 22.31 -11.16 -14.98
N ARG C 69 21.04 -10.79 -15.03
CA ARG C 69 20.05 -11.34 -14.08
C ARG C 69 20.00 -12.87 -14.17
N ASN C 70 19.84 -13.40 -15.38
CA ASN C 70 19.77 -14.85 -15.54
C ASN C 70 21.09 -15.47 -15.00
N ARG C 71 22.22 -14.86 -15.35
CA ARG C 71 23.55 -15.36 -14.91
C ARG C 71 23.67 -15.44 -13.37
N ASP C 72 23.12 -14.46 -12.67
CA ASP C 72 23.21 -14.42 -11.23
C ASP C 72 22.11 -15.18 -10.49
N GLY C 73 21.08 -15.67 -11.19
CA GLY C 73 19.95 -16.30 -10.54
C GLY C 73 18.98 -15.35 -9.90
N PHE C 74 18.90 -14.13 -10.43
CA PHE C 74 17.93 -13.13 -9.97
C PHE C 74 16.77 -13.09 -10.93
N PRO C 75 15.58 -13.47 -10.48
CA PRO C 75 14.48 -13.60 -11.43
C PRO C 75 14.02 -12.28 -12.10
N VAL C 76 13.60 -12.39 -13.36
CA VAL C 76 12.83 -11.35 -14.04
C VAL C 76 11.49 -11.96 -14.45
N LEU C 77 10.41 -11.47 -13.81
CA LEU C 77 9.02 -11.89 -14.14
C LEU C 77 8.34 -10.86 -15.03
N VAL C 78 7.51 -11.37 -15.93
CA VAL C 78 6.68 -10.53 -16.75
C VAL C 78 5.23 -10.92 -16.57
N ALA C 79 4.35 -9.93 -16.76
CA ALA C 79 2.90 -10.10 -16.82
C ALA C 79 2.48 -10.00 -18.27
N GLU C 80 1.72 -11.00 -18.71
CA GLU C 80 1.27 -11.09 -20.09
C GLU C 80 -0.26 -11.12 -20.04
N ARG C 81 -0.87 -10.25 -20.84
CA ARG C 81 -2.34 -10.23 -21.01
C ARG C 81 -2.64 -10.14 -22.49
N GLU C 82 -3.42 -11.09 -23.00
CA GLU C 82 -3.81 -11.12 -24.42
C GLU C 82 -2.58 -11.16 -25.35
N GLY C 83 -1.60 -11.97 -25.00
CA GLY C 83 -0.37 -12.10 -25.76
C GLY C 83 0.65 -10.98 -25.61
N GLN C 84 0.34 -9.98 -24.79
CA GLN C 84 1.14 -8.75 -24.72
C GLN C 84 1.74 -8.58 -23.32
N VAL C 85 3.03 -8.32 -23.28
CA VAL C 85 3.71 -7.99 -22.00
C VAL C 85 3.26 -6.64 -21.52
N VAL C 86 2.65 -6.57 -20.34
CA VAL C 86 2.07 -5.36 -19.77
C VAL C 86 2.73 -4.92 -18.44
N GLY C 87 3.75 -5.64 -18.04
CA GLY C 87 4.53 -5.30 -16.85
C GLY C 87 5.66 -6.24 -16.63
N TYR C 88 6.64 -5.82 -15.80
CA TYR C 88 7.68 -6.75 -15.34
C TYR C 88 8.18 -6.38 -13.97
N ALA C 89 8.82 -7.33 -13.31
CA ALA C 89 9.43 -7.08 -12.00
C ALA C 89 10.72 -7.89 -11.83
N SER C 90 11.64 -7.39 -11.02
CA SER C 90 12.87 -8.09 -10.78
C SER C 90 13.49 -7.64 -9.47
N TYR C 91 14.44 -8.39 -8.99
CA TYR C 91 15.30 -7.88 -7.92
C TYR C 91 16.71 -8.19 -8.21
N GLY C 92 17.60 -7.45 -7.55
CA GLY C 92 19.02 -7.58 -7.71
C GLY C 92 19.74 -7.17 -6.47
N PRO C 93 21.08 -7.09 -6.54
CA PRO C 93 21.83 -6.77 -5.33
C PRO C 93 21.45 -5.45 -4.70
N PHE C 94 21.36 -5.43 -3.38
CA PHE C 94 21.10 -4.19 -2.67
C PHE C 94 22.38 -3.38 -2.60
N ARG C 95 23.46 -4.03 -2.19
CA ARG C 95 24.76 -3.41 -2.14
C ARG C 95 25.81 -4.47 -2.50
N PRO C 96 26.98 -4.03 -3.03
CA PRO C 96 28.03 -4.95 -3.47
C PRO C 96 28.66 -5.86 -2.38
N PHE C 97 28.84 -5.37 -1.16
CA PHE C 97 29.63 -6.07 -0.17
C PHE C 97 29.09 -7.48 0.15
N GLU C 98 30.01 -8.38 0.52
CA GLU C 98 29.70 -9.79 0.81
C GLU C 98 28.61 -9.93 1.93
N GLY C 99 28.63 -8.97 2.84
CA GLY C 99 27.75 -8.97 3.99
C GLY C 99 26.28 -8.78 3.63
N PHE C 100 26.02 -8.32 2.40
CA PHE C 100 24.66 -7.99 1.95
C PHE C 100 24.08 -9.05 1.01
N ARG C 101 24.70 -10.24 0.96
CA ARG C 101 24.34 -11.17 -0.13
C ARG C 101 22.91 -11.74 -0.02
N HIS C 102 22.33 -11.69 1.19
CA HIS C 102 20.93 -12.16 1.42
C HIS C 102 19.92 -11.02 1.39
N SER C 103 20.36 -9.81 0.96
CA SER C 103 19.46 -8.67 0.74
C SER C 103 19.43 -8.29 -0.71
N SER C 104 18.22 -8.12 -1.23
CA SER C 104 17.96 -7.79 -2.58
C SER C 104 17.04 -6.57 -2.68
N GLU C 105 17.31 -5.73 -3.66
CA GLU C 105 16.43 -4.59 -3.93
C GLU C 105 15.55 -4.91 -5.13
N LEU C 106 14.24 -4.66 -4.98
CA LEU C 106 13.26 -5.07 -5.99
CA LEU C 106 13.25 -5.07 -5.98
C LEU C 106 12.63 -3.87 -6.67
N SER C 107 12.18 -4.09 -7.92
CA SER C 107 11.58 -3.05 -8.77
C SER C 107 10.41 -3.67 -9.55
N VAL C 108 9.33 -2.90 -9.72
CA VAL C 108 8.14 -3.34 -10.44
C VAL C 108 7.74 -2.23 -11.39
N TYR C 109 7.51 -2.60 -12.65
CA TYR C 109 7.17 -1.63 -13.71
C TYR C 109 5.92 -2.09 -14.43
N VAL C 110 4.90 -1.24 -14.46
CA VAL C 110 3.68 -1.53 -15.19
C VAL C 110 3.66 -0.63 -16.42
N ALA C 111 3.25 -1.19 -17.54
CA ALA C 111 3.12 -0.38 -18.75
C ALA C 111 2.10 0.72 -18.54
N SER C 112 2.40 1.92 -19.04
CA SER C 112 1.59 3.05 -18.67
C SER C 112 0.14 2.91 -19.12
N ASN C 113 -0.10 2.31 -20.28
CA ASN C 113 -1.48 2.14 -20.74
C ASN C 113 -2.20 0.96 -20.08
N ALA C 114 -1.50 0.23 -19.22
CA ALA C 114 -2.07 -0.89 -18.50
C ALA C 114 -2.17 -0.61 -16.99
N ARG C 115 -1.99 0.63 -16.58
CA ARG C 115 -1.87 0.95 -15.16
C ARG C 115 -3.21 0.81 -14.45
N GLY C 116 -3.16 0.55 -13.15
CA GLY C 116 -4.34 0.58 -12.33
C GLY C 116 -5.23 -0.67 -12.28
N GLY C 117 -4.85 -1.75 -12.98
CA GLY C 117 -5.65 -3.00 -13.04
C GLY C 117 -5.12 -4.21 -12.25
N GLY C 118 -4.21 -3.97 -11.31
CA GLY C 118 -3.67 -5.07 -10.45
C GLY C 118 -2.40 -5.78 -10.94
N ILE C 119 -1.83 -5.32 -12.04
CA ILE C 119 -0.63 -5.92 -12.61
C ILE C 119 0.55 -5.78 -11.65
N GLY C 120 0.74 -4.58 -11.13
CA GLY C 120 1.86 -4.31 -10.25
C GLY C 120 1.78 -5.12 -8.98
N ARG C 121 0.60 -5.15 -8.38
CA ARG C 121 0.36 -5.91 -7.18
CA ARG C 121 0.39 -5.92 -7.15
C ARG C 121 0.55 -7.44 -7.38
N THR C 122 0.10 -7.92 -8.51
CA THR C 122 0.26 -9.33 -8.81
C THR C 122 1.75 -9.66 -9.02
N LEU C 123 2.42 -8.85 -9.81
CA LEU C 123 3.88 -9.04 -10.00
C LEU C 123 4.63 -9.01 -8.67
N LEU C 124 4.27 -8.07 -7.77
CA LEU C 124 4.98 -7.93 -6.49
C LEU C 124 4.79 -9.16 -5.61
N ALA C 125 3.55 -9.60 -5.49
CA ALA C 125 3.26 -10.81 -4.77
C ALA C 125 4.06 -12.03 -5.34
N GLU C 126 4.11 -12.17 -6.66
CA GLU C 126 4.82 -13.32 -7.24
C GLU C 126 6.33 -13.22 -7.07
N LEU C 127 6.85 -12.00 -7.05
CA LEU C 127 8.28 -11.79 -6.92
C LEU C 127 8.71 -12.07 -5.47
N ILE C 128 7.85 -11.71 -4.53
CA ILE C 128 8.07 -12.02 -3.13
C ILE C 128 8.13 -13.55 -2.89
N GLU C 129 7.20 -14.30 -3.49
CA GLU C 129 7.23 -15.74 -3.43
C GLU C 129 8.53 -16.32 -4.04
N GLU C 130 8.97 -15.78 -5.17
CA GLU C 130 10.22 -16.19 -5.79
C GLU C 130 11.38 -15.98 -4.85
N ALA C 131 11.41 -14.79 -4.24
CA ALA C 131 12.47 -14.42 -3.30
C ALA C 131 12.52 -15.40 -2.14
N ARG C 132 11.36 -15.80 -1.63
CA ARG C 132 11.31 -16.76 -0.51
C ARG C 132 11.90 -18.10 -0.87
N GLU C 133 11.54 -18.57 -2.06
CA GLU C 133 12.02 -19.85 -2.61
C GLU C 133 13.54 -19.84 -2.90
N ARG C 134 14.09 -18.66 -3.20
CA ARG C 134 15.50 -18.52 -3.50
C ARG C 134 16.29 -18.10 -2.25
N LYS C 135 15.63 -18.08 -1.09
CA LYS C 135 16.28 -17.85 0.20
C LYS C 135 16.82 -16.46 0.43
N VAL C 136 16.22 -15.50 -0.25
CA VAL C 136 16.48 -14.09 0.07
C VAL C 136 15.97 -13.81 1.48
N HIS C 137 16.76 -13.10 2.28
CA HIS C 137 16.34 -12.76 3.66
C HIS C 137 15.60 -11.41 3.75
N VAL C 138 16.04 -10.40 3.00
CA VAL C 138 15.38 -9.08 3.05
C VAL C 138 15.16 -8.55 1.64
N LEU C 139 13.95 -8.11 1.36
CA LEU C 139 13.67 -7.31 0.18
C LEU C 139 13.59 -5.83 0.53
N ILE C 140 14.27 -5.01 -0.26
CA ILE C 140 14.33 -3.56 -0.05
C ILE C 140 13.73 -2.88 -1.27
N ALA C 141 12.84 -1.92 -1.02
CA ALA C 141 12.30 -1.01 -2.02
C ALA C 141 12.87 0.36 -1.78
N GLY C 142 13.34 0.98 -2.85
CA GLY C 142 13.76 2.37 -2.84
C GLY C 142 12.79 3.11 -3.73
N ILE C 143 12.02 3.98 -3.10
CA ILE C 143 10.88 4.62 -3.71
C ILE C 143 11.07 6.13 -3.65
N GLU C 144 10.76 6.83 -4.75
CA GLU C 144 10.76 8.28 -4.72
C GLU C 144 9.74 8.73 -3.66
N ALA C 145 10.15 9.59 -2.74
CA ALA C 145 9.39 9.80 -1.52
C ALA C 145 7.94 10.29 -1.69
N GLY C 146 7.69 11.03 -2.74
CA GLY C 146 6.35 11.55 -3.05
C GLY C 146 5.44 10.54 -3.72
N ASN C 147 5.92 9.33 -3.97
CA ASN C 147 5.13 8.33 -4.67
C ASN C 147 4.24 7.57 -3.70
N ALA C 148 3.15 8.23 -3.27
CA ALA C 148 2.32 7.68 -2.18
C ALA C 148 1.66 6.39 -2.62
N ALA C 149 1.39 6.27 -3.90
CA ALA C 149 0.80 5.08 -4.45
C ALA C 149 1.70 3.89 -4.26
N SER C 150 2.96 4.03 -4.64
CA SER C 150 3.91 2.89 -4.55
C SER C 150 4.16 2.50 -3.09
N ILE C 151 4.27 3.48 -2.24
CA ILE C 151 4.37 3.29 -0.80
C ILE C 151 3.21 2.44 -0.26
N ALA C 152 2.00 2.87 -0.57
CA ALA C 152 0.75 2.16 -0.14
C ALA C 152 0.68 0.72 -0.66
N LEU C 153 1.01 0.55 -1.94
CA LEU C 153 1.12 -0.76 -2.55
C LEU C 153 2.12 -1.66 -1.80
N HIS C 154 3.29 -1.15 -1.48
CA HIS C 154 4.25 -1.97 -0.77
C HIS C 154 3.78 -2.25 0.63
N ARG C 155 3.15 -1.27 1.25
CA ARG C 155 2.65 -1.48 2.61
C ARG C 155 1.62 -2.61 2.62
N SER C 156 0.79 -2.66 1.58
CA SER C 156 -0.29 -3.65 1.51
C SER C 156 0.29 -5.08 1.53
N GLN C 157 1.55 -5.22 1.04
CA GLN C 157 2.23 -6.53 1.04
CA GLN C 157 2.27 -6.49 1.01
C GLN C 157 3.21 -6.67 2.21
N GLY C 158 3.02 -5.84 3.22
CA GLY C 158 3.80 -5.99 4.46
C GLY C 158 5.14 -5.36 4.48
N PHE C 159 5.46 -4.51 3.49
CA PHE C 159 6.65 -3.71 3.61
C PHE C 159 6.43 -2.62 4.65
N GLU C 160 7.52 -2.25 5.33
CA GLU C 160 7.55 -1.22 6.36
C GLU C 160 8.56 -0.12 5.99
N GLU C 161 8.22 1.11 6.33
CA GLU C 161 9.11 2.25 6.06
C GLU C 161 10.30 2.18 6.95
N CYS C 162 11.48 2.38 6.38
CA CYS C 162 12.68 2.45 7.15
C CYS C 162 13.05 3.92 7.42
N GLY C 163 12.97 4.76 6.41
CA GLY C 163 13.50 6.14 6.50
C GLY C 163 13.81 6.71 5.15
N THR C 164 14.09 7.98 5.14
CA THR C 164 14.21 8.74 3.90
C THR C 164 15.57 9.41 3.84
N LEU C 165 16.24 9.26 2.69
CA LEU C 165 17.49 9.97 2.39
C LEU C 165 17.12 11.16 1.52
N LYS C 166 17.20 12.35 2.09
CA LYS C 166 16.82 13.59 1.39
C LYS C 166 17.85 14.01 0.36
N GLN C 167 17.36 14.36 -0.82
CA GLN C 167 18.16 15.02 -1.84
C GLN C 167 19.33 14.19 -2.36
N VAL C 168 19.18 12.88 -2.25
CA VAL C 168 20.23 11.96 -2.69
C VAL C 168 20.16 11.66 -4.17
N GLY C 169 19.03 11.95 -4.81
CA GLY C 169 18.87 11.85 -6.25
C GLY C 169 18.71 13.17 -7.00
N GLN C 170 18.91 13.14 -8.31
CA GLN C 170 18.63 14.30 -9.10
C GLN C 170 18.13 13.85 -10.45
N LYS C 171 17.03 14.48 -10.88
CA LYS C 171 16.50 14.28 -12.23
C LYS C 171 15.77 15.55 -12.66
N PHE C 172 15.88 15.88 -13.95
CA PHE C 172 15.27 17.11 -14.51
C PHE C 172 15.77 18.30 -13.70
N GLY C 173 16.99 18.20 -13.20
CA GLY C 173 17.58 19.28 -12.38
C GLY C 173 16.93 19.54 -11.03
N ARG C 174 16.10 18.61 -10.58
CA ARG C 174 15.50 18.63 -9.23
C ARG C 174 16.21 17.63 -8.31
N TRP C 175 16.43 18.03 -7.07
CA TRP C 175 16.83 17.09 -6.04
C TRP C 175 15.66 16.21 -5.63
N LEU C 176 15.95 14.94 -5.39
CA LEU C 176 14.92 13.94 -5.11
C LEU C 176 15.23 13.18 -3.82
N ASP C 177 14.18 12.80 -3.10
CA ASP C 177 14.32 12.11 -1.82
C ASP C 177 13.99 10.61 -2.02
N LEU C 178 14.78 9.73 -1.40
CA LEU C 178 14.65 8.28 -1.56
C LEU C 178 14.14 7.71 -0.24
N LEU C 179 12.95 7.12 -0.30
CA LEU C 179 12.38 6.42 0.85
C LEU C 179 12.74 4.95 0.73
N PHE C 180 13.35 4.39 1.78
CA PHE C 180 13.56 2.95 1.80
C PHE C 180 12.43 2.25 2.59
N MET C 181 11.93 1.14 2.04
CA MET C 181 11.04 0.23 2.75
C MET C 181 11.64 -1.15 2.69
N GLN C 182 11.31 -2.00 3.67
CA GLN C 182 11.80 -3.37 3.68
C GLN C 182 10.73 -4.41 4.03
N LYS C 183 10.99 -5.63 3.58
CA LYS C 183 10.20 -6.81 3.93
C LYS C 183 11.16 -7.91 4.30
N ILE C 184 11.04 -8.42 5.51
CA ILE C 184 11.91 -9.52 5.95
C ILE C 184 11.20 -10.85 5.78
N LEU C 185 11.86 -11.79 5.12
CA LEU C 185 11.29 -13.07 4.76
C LEU C 185 11.87 -14.18 5.66
N THR D 23 50.42 15.65 17.76
CA THR D 23 50.54 16.56 16.57
C THR D 23 49.91 15.89 15.33
N LEU D 24 48.60 16.03 15.13
CA LEU D 24 47.91 15.24 14.09
C LEU D 24 47.99 15.91 12.73
N LEU D 25 48.65 15.23 11.78
CA LEU D 25 48.81 15.74 10.42
C LEU D 25 47.75 15.09 9.54
N ILE D 26 47.04 15.89 8.75
CA ILE D 26 46.10 15.31 7.77
C ILE D 26 46.60 15.55 6.37
N ARG D 27 46.62 14.51 5.56
CA ARG D 27 47.11 14.69 4.18
C ARG D 27 46.55 13.63 3.27
N HIS D 28 46.72 13.81 1.97
CA HIS D 28 46.30 12.78 1.04
C HIS D 28 47.18 11.55 1.12
N ALA D 29 46.55 10.41 0.93
CA ALA D 29 47.24 9.12 0.92
C ALA D 29 48.13 9.03 -0.28
N THR D 30 49.27 8.35 -0.12
CA THR D 30 50.11 7.96 -1.26
C THR D 30 50.33 6.44 -1.28
N GLU D 31 51.09 5.94 -2.23
CA GLU D 31 51.41 4.51 -2.25
C GLU D 31 52.26 4.11 -1.04
N ALA D 32 53.01 5.05 -0.46
CA ALA D 32 53.81 4.71 0.72
C ALA D 32 52.94 4.38 1.91
N ASP D 33 51.68 4.82 1.89
CA ASP D 33 50.75 4.55 3.00
C ASP D 33 50.04 3.18 2.90
N LEU D 34 50.20 2.50 1.79
CA LEU D 34 49.42 1.29 1.52
C LEU D 34 49.52 0.18 2.58
N PRO D 35 50.73 -0.13 3.09
CA PRO D 35 50.79 -1.17 4.14
C PRO D 35 49.99 -0.79 5.39
N ALA D 36 49.99 0.49 5.76
CA ALA D 36 49.16 0.98 6.87
C ALA D 36 47.67 0.89 6.55
N LEU D 37 47.28 1.31 5.35
CA LEU D 37 45.86 1.23 4.97
C LEU D 37 45.41 -0.25 4.97
N LEU D 38 46.26 -1.13 4.44
CA LEU D 38 45.99 -2.56 4.45
C LEU D 38 45.81 -3.06 5.87
N ALA D 39 46.72 -2.73 6.77
CA ALA D 39 46.64 -3.28 8.15
C ALA D 39 45.35 -2.79 8.87
N ILE D 40 45.06 -1.47 8.71
CA ILE D 40 43.90 -0.86 9.33
C ILE D 40 42.65 -1.51 8.76
N TYR D 41 42.57 -1.63 7.43
CA TYR D 41 41.39 -2.21 6.78
C TYR D 41 41.15 -3.68 7.27
N ASN D 42 42.20 -4.50 7.19
CA ASN D 42 42.04 -5.93 7.52
C ASN D 42 41.73 -6.15 8.96
N ASP D 43 42.21 -5.27 9.82
CA ASP D 43 41.86 -5.35 11.27
C ASP D 43 40.37 -5.14 11.42
N ALA D 44 39.84 -4.14 10.70
CA ALA D 44 38.40 -3.91 10.76
C ALA D 44 37.65 -5.13 10.25
N VAL D 45 38.16 -5.68 9.15
CA VAL D 45 37.52 -6.81 8.50
C VAL D 45 37.51 -8.03 9.44
N GLU D 46 38.68 -8.33 10.00
CA GLU D 46 38.84 -9.54 10.81
C GLU D 46 38.11 -9.46 12.16
N ASN D 47 38.08 -8.29 12.77
CA ASN D 47 37.74 -8.20 14.18
C ASN D 47 36.47 -7.45 14.55
N THR D 48 35.89 -6.67 13.64
CA THR D 48 34.77 -5.80 14.02
C THR D 48 33.54 -6.01 13.16
N LEU D 49 32.43 -5.43 13.63
CA LEU D 49 31.19 -5.37 12.85
C LEU D 49 31.05 -4.08 12.08
N ALA D 50 32.10 -3.29 12.06
CA ALA D 50 32.00 -1.95 11.49
C ALA D 50 32.08 -1.94 9.95
N ILE D 51 32.67 -2.98 9.38
CA ILE D 51 32.59 -3.22 7.92
C ILE D 51 32.15 -4.65 7.69
N TRP D 52 31.23 -4.89 6.76
CA TRP D 52 30.60 -6.20 6.74
C TRP D 52 31.25 -7.19 5.78
N ASN D 53 32.36 -6.80 5.18
CA ASN D 53 33.19 -7.78 4.47
C ASN D 53 33.79 -8.71 5.50
N GLU D 54 33.97 -9.97 5.13
CA GLU D 54 34.66 -10.95 5.99
C GLU D 54 35.97 -11.45 5.38
N THR D 55 36.23 -11.12 4.13
CA THR D 55 37.42 -11.62 3.45
C THR D 55 38.57 -10.64 3.52
N LEU D 56 39.70 -11.07 4.10
CA LEU D 56 40.90 -10.27 4.17
C LEU D 56 41.41 -10.05 2.78
N VAL D 57 41.97 -8.88 2.56
CA VAL D 57 42.52 -8.55 1.26
C VAL D 57 44.04 -8.45 1.33
N ASP D 58 44.67 -8.25 0.16
CA ASP D 58 46.11 -8.10 0.08
C ASP D 58 46.53 -6.75 -0.48
N LEU D 59 47.85 -6.52 -0.53
CA LEU D 59 48.37 -5.22 -0.98
C LEU D 59 47.92 -4.86 -2.36
N GLU D 60 47.94 -5.81 -3.26
CA GLU D 60 47.51 -5.53 -4.61
C GLU D 60 46.06 -5.00 -4.68
N ASN D 61 45.16 -5.60 -3.90
CA ASN D 61 43.80 -5.14 -3.78
C ASN D 61 43.76 -3.69 -3.32
N ARG D 62 44.56 -3.35 -2.33
CA ARG D 62 44.59 -1.94 -1.89
C ARG D 62 45.21 -0.98 -2.91
N HIS D 63 46.24 -1.44 -3.62
CA HIS D 63 46.78 -0.68 -4.77
C HIS D 63 45.67 -0.30 -5.75
N GLN D 64 44.86 -1.27 -6.10
CA GLN D 64 43.77 -1.06 -7.06
C GLN D 64 42.73 -0.07 -6.50
N TRP D 65 42.41 -0.26 -5.21
CA TRP D 65 41.48 0.58 -4.53
C TRP D 65 41.90 2.04 -4.55
N LEU D 66 43.17 2.29 -4.18
CA LEU D 66 43.70 3.64 -4.07
C LEU D 66 43.77 4.23 -5.48
N GLU D 67 44.21 3.44 -6.43
CA GLU D 67 44.35 3.92 -7.79
C GLU D 67 43.03 4.31 -8.38
N ASN D 68 42.01 3.49 -8.14
CA ASN D 68 40.65 3.76 -8.63
C ASN D 68 40.04 5.00 -7.95
N ARG D 69 40.33 5.22 -6.65
CA ARG D 69 39.90 6.45 -5.98
C ARG D 69 40.49 7.65 -6.69
N ASN D 70 41.81 7.62 -6.92
CA ASN D 70 42.51 8.77 -7.50
C ASN D 70 41.95 8.98 -8.95
N ARG D 71 41.80 7.89 -9.70
CA ARG D 71 41.30 7.95 -11.08
C ARG D 71 39.90 8.60 -11.18
N ASP D 72 39.06 8.31 -10.19
CA ASP D 72 37.67 8.74 -10.14
C ASP D 72 37.43 10.08 -9.41
N GLY D 73 38.49 10.69 -8.88
CA GLY D 73 38.42 12.01 -8.25
C GLY D 73 37.89 11.99 -6.85
N PHE D 74 38.01 10.84 -6.19
CA PHE D 74 37.55 10.68 -4.83
C PHE D 74 38.76 10.75 -3.88
N PRO D 75 38.68 11.59 -2.84
CA PRO D 75 39.83 11.78 -1.96
C PRO D 75 40.04 10.57 -1.04
N VAL D 76 41.31 10.31 -0.70
CA VAL D 76 41.65 9.43 0.42
C VAL D 76 42.58 10.24 1.34
N LEU D 77 42.11 10.47 2.56
CA LEU D 77 42.84 11.25 3.54
C LEU D 77 43.43 10.31 4.57
N VAL D 78 44.68 10.56 4.95
CA VAL D 78 45.27 9.84 6.09
C VAL D 78 45.56 10.81 7.21
N ALA D 79 45.50 10.34 8.45
CA ALA D 79 45.97 11.05 9.61
C ALA D 79 47.27 10.40 10.06
N GLU D 80 48.26 11.26 10.28
CA GLU D 80 49.59 10.82 10.69
C GLU D 80 49.94 11.48 12.02
N ARG D 81 50.41 10.66 12.96
CA ARG D 81 50.93 11.14 14.25
C ARG D 81 52.26 10.43 14.53
N GLU D 82 53.31 11.20 14.79
CA GLU D 82 54.64 10.63 15.12
C GLU D 82 55.12 9.72 14.00
N GLY D 83 54.99 10.18 12.75
CA GLY D 83 55.44 9.40 11.59
C GLY D 83 54.61 8.20 11.17
N GLN D 84 53.57 7.85 11.94
CA GLN D 84 52.76 6.67 11.65
C GLN D 84 51.35 7.07 11.22
N VAL D 85 50.82 6.36 10.23
CA VAL D 85 49.39 6.51 9.88
C VAL D 85 48.49 5.91 11.00
N VAL D 86 47.61 6.73 11.57
CA VAL D 86 46.76 6.26 12.67
C VAL D 86 45.26 6.20 12.27
N GLY D 87 44.99 6.43 10.99
CA GLY D 87 43.61 6.42 10.52
C GLY D 87 43.52 6.89 9.10
N TYR D 88 42.38 6.65 8.46
CA TYR D 88 42.14 7.15 7.14
C TYR D 88 40.67 7.30 6.87
N ALA D 89 40.33 8.06 5.83
CA ALA D 89 38.91 8.32 5.51
C ALA D 89 38.79 8.53 4.01
N SER D 90 37.67 8.08 3.44
CA SER D 90 37.45 8.28 2.03
C SER D 90 35.96 8.31 1.76
N TYR D 91 35.60 8.60 0.53
CA TYR D 91 34.25 8.33 0.09
C TYR D 91 34.25 7.81 -1.33
N GLY D 92 33.11 7.26 -1.72
CA GLY D 92 32.90 6.74 -3.04
C GLY D 92 31.44 6.80 -3.44
N PRO D 93 31.11 6.18 -4.56
CA PRO D 93 29.71 6.29 -5.01
C PRO D 93 28.72 5.69 -4.01
N PHE D 94 27.61 6.38 -3.82
CA PHE D 94 26.52 5.82 -3.03
C PHE D 94 25.77 4.70 -3.74
N ARG D 95 25.40 4.93 -5.00
CA ARG D 95 24.71 3.93 -5.82
C ARG D 95 25.16 4.17 -7.26
N PRO D 96 25.17 3.10 -8.12
CA PRO D 96 25.65 3.24 -9.53
C PRO D 96 24.98 4.30 -10.41
N PHE D 97 23.67 4.45 -10.33
CA PHE D 97 22.90 5.19 -11.34
C PHE D 97 23.31 6.69 -11.45
N GLU D 98 23.19 7.25 -12.68
CA GLU D 98 23.50 8.69 -12.98
C GLU D 98 22.81 9.63 -12.01
N GLY D 99 21.58 9.24 -11.62
CA GLY D 99 20.76 9.99 -10.67
C GLY D 99 21.36 10.22 -9.30
N PHE D 100 22.38 9.45 -8.93
CA PHE D 100 22.98 9.53 -7.60
C PHE D 100 24.37 10.16 -7.61
N ARG D 101 24.75 10.74 -8.75
CA ARG D 101 26.10 11.19 -8.97
C ARG D 101 26.59 12.14 -7.89
N HIS D 102 25.70 12.96 -7.35
CA HIS D 102 26.12 13.96 -6.35
C HIS D 102 25.96 13.45 -4.90
N SER D 103 25.76 12.15 -4.73
CA SER D 103 25.75 11.55 -3.42
C SER D 103 26.90 10.61 -3.28
N SER D 104 27.60 10.69 -2.17
CA SER D 104 28.73 9.80 -1.93
C SER D 104 28.60 9.18 -0.54
N GLU D 105 29.03 7.93 -0.41
CA GLU D 105 29.01 7.25 0.86
C GLU D 105 30.44 7.27 1.45
N LEU D 106 30.55 7.68 2.71
CA LEU D 106 31.88 7.85 3.28
CA LEU D 106 31.88 7.87 3.31
C LEU D 106 32.19 6.83 4.33
N SER D 107 33.48 6.63 4.56
CA SER D 107 33.99 5.73 5.59
C SER D 107 35.15 6.35 6.29
N VAL D 108 35.21 6.15 7.61
CA VAL D 108 36.27 6.65 8.46
C VAL D 108 36.80 5.45 9.27
N TYR D 109 38.12 5.25 9.23
CA TYR D 109 38.79 4.16 9.91
C TYR D 109 39.88 4.69 10.82
N VAL D 110 39.73 4.44 12.13
CA VAL D 110 40.73 4.83 13.09
C VAL D 110 41.41 3.58 13.60
N ALA D 111 42.75 3.58 13.59
CA ALA D 111 43.53 2.45 14.08
C ALA D 111 43.09 2.04 15.47
N SER D 112 43.02 0.73 15.68
CA SER D 112 42.41 0.18 16.91
C SER D 112 43.14 0.58 18.20
N ASN D 113 44.41 0.92 18.09
CA ASN D 113 45.18 1.37 19.24
C ASN D 113 45.22 2.89 19.38
N ALA D 114 44.44 3.57 18.54
CA ALA D 114 44.41 5.04 18.56
C ALA D 114 43.00 5.60 18.74
N ARG D 115 42.07 4.76 19.18
CA ARG D 115 40.66 5.14 19.24
C ARG D 115 40.40 6.17 20.34
N GLY D 116 39.24 6.82 20.26
CA GLY D 116 38.77 7.74 21.34
C GLY D 116 39.67 8.93 21.67
N GLY D 117 40.36 9.47 20.65
CA GLY D 117 41.28 10.63 20.82
C GLY D 117 41.16 11.74 19.77
N GLY D 118 40.05 11.81 19.06
CA GLY D 118 39.80 12.95 18.13
C GLY D 118 40.20 12.71 16.68
N ILE D 119 40.88 11.60 16.42
CA ILE D 119 41.33 11.28 15.06
C ILE D 119 40.14 11.16 14.10
N GLY D 120 39.08 10.50 14.56
CA GLY D 120 37.93 10.24 13.70
C GLY D 120 37.19 11.52 13.33
N ARG D 121 37.01 12.39 14.35
CA ARG D 121 36.29 13.68 14.19
C ARG D 121 37.09 14.59 13.29
N THR D 122 38.41 14.55 13.43
CA THR D 122 39.28 15.38 12.60
C THR D 122 39.20 14.84 11.18
N LEU D 123 39.42 13.57 11.01
CA LEU D 123 39.31 13.00 9.61
C LEU D 123 37.95 13.29 8.95
N LEU D 124 36.86 13.15 9.70
CA LEU D 124 35.52 13.33 9.15
C LEU D 124 35.32 14.81 8.73
N ALA D 125 35.77 15.72 9.58
CA ALA D 125 35.62 17.15 9.27
C ALA D 125 36.46 17.52 8.07
N GLU D 126 37.65 16.94 7.95
CA GLU D 126 38.51 17.27 6.81
C GLU D 126 37.94 16.69 5.52
N LEU D 127 37.41 15.49 5.64
CA LEU D 127 36.76 14.84 4.51
C LEU D 127 35.52 15.63 4.05
N ILE D 128 34.73 16.14 4.97
CA ILE D 128 33.59 16.97 4.63
C ILE D 128 33.99 18.21 3.83
N GLU D 129 35.06 18.91 4.26
CA GLU D 129 35.53 20.05 3.47
C GLU D 129 36.02 19.68 2.09
N GLU D 130 36.67 18.51 1.95
CA GLU D 130 37.08 18.02 0.60
C GLU D 130 35.85 17.83 -0.25
N ALA D 131 34.82 17.23 0.35
CA ALA D 131 33.62 16.91 -0.37
C ALA D 131 32.95 18.22 -0.80
N ARG D 132 32.96 19.22 0.08
CA ARG D 132 32.36 20.49 -0.28
C ARG D 132 33.11 21.09 -1.47
N GLU D 133 34.44 21.06 -1.43
CA GLU D 133 35.23 21.62 -2.56
C GLU D 133 34.96 20.87 -3.85
N ARG D 134 34.73 19.58 -3.72
CA ARG D 134 34.46 18.73 -4.90
C ARG D 134 32.99 18.75 -5.33
N LYS D 135 32.17 19.58 -4.69
CA LYS D 135 30.75 19.76 -5.07
C LYS D 135 29.86 18.55 -4.83
N VAL D 136 30.22 17.70 -3.86
CA VAL D 136 29.31 16.66 -3.39
C VAL D 136 28.09 17.36 -2.81
N HIS D 137 26.89 16.83 -3.07
CA HIS D 137 25.68 17.40 -2.49
C HIS D 137 25.28 16.73 -1.17
N VAL D 138 25.42 15.41 -1.12
CA VAL D 138 25.05 14.65 0.10
C VAL D 138 26.12 13.62 0.39
N LEU D 139 26.52 13.55 1.66
CA LEU D 139 27.34 12.49 2.22
C LEU D 139 26.42 11.59 2.99
N ILE D 140 26.53 10.30 2.69
CA ILE D 140 25.78 9.25 3.37
CA ILE D 140 25.79 9.26 3.39
C ILE D 140 26.75 8.41 4.20
N ALA D 141 26.37 8.07 5.46
CA ALA D 141 27.08 7.06 6.27
C ALA D 141 26.14 5.89 6.50
N GLY D 142 26.64 4.69 6.27
CA GLY D 142 25.96 3.43 6.64
C GLY D 142 26.68 2.84 7.79
N ILE D 143 26.02 2.86 8.96
CA ILE D 143 26.65 2.53 10.19
C ILE D 143 25.94 1.35 10.83
N GLU D 144 26.70 0.39 11.33
CA GLU D 144 26.09 -0.72 12.05
C GLU D 144 25.35 -0.14 13.26
N ALA D 145 24.08 -0.52 13.43
CA ALA D 145 23.20 0.29 14.23
C ALA D 145 23.58 0.27 15.71
N GLY D 146 24.26 -0.78 16.16
CA GLY D 146 24.73 -0.86 17.56
C GLY D 146 25.94 0.02 17.90
N ASN D 147 26.52 0.67 16.88
CA ASN D 147 27.76 1.44 17.03
C ASN D 147 27.45 2.87 17.48
N ALA D 148 27.13 3.01 18.75
CA ALA D 148 26.76 4.31 19.28
C ALA D 148 27.86 5.38 19.08
N ALA D 149 29.13 4.98 19.15
CA ALA D 149 30.22 5.94 19.05
C ALA D 149 30.41 6.44 17.63
N SER D 150 30.22 5.56 16.65
CA SER D 150 30.33 6.00 15.23
C SER D 150 29.19 6.92 14.92
N ILE D 151 28.01 6.55 15.41
CA ILE D 151 26.84 7.38 15.30
C ILE D 151 27.08 8.76 15.95
N ALA D 152 27.62 8.77 17.18
CA ALA D 152 27.95 10.03 17.87
C ALA D 152 28.94 10.89 17.10
N LEU D 153 29.97 10.25 16.59
CA LEU D 153 30.96 10.95 15.76
C LEU D 153 30.27 11.67 14.60
N HIS D 154 29.39 10.97 13.91
CA HIS D 154 28.78 11.57 12.72
C HIS D 154 27.82 12.66 13.11
N ARG D 155 27.02 12.42 14.16
CA ARG D 155 26.13 13.43 14.69
C ARG D 155 26.87 14.68 15.08
N SER D 156 28.01 14.50 15.70
CA SER D 156 28.83 15.63 16.15
C SER D 156 29.23 16.57 15.01
N GLN D 157 29.27 16.03 13.78
CA GLN D 157 29.61 16.80 12.61
C GLN D 157 28.37 17.11 11.76
N GLY D 158 27.19 16.98 12.35
CA GLY D 158 25.97 17.45 11.74
C GLY D 158 25.26 16.42 10.88
N PHE D 159 25.65 15.15 10.97
CA PHE D 159 24.85 14.09 10.24
C PHE D 159 23.56 13.90 11.02
N GLU D 160 22.47 13.65 10.30
CA GLU D 160 21.15 13.32 10.85
C GLU D 160 20.78 11.89 10.52
N GLU D 161 20.05 11.24 11.41
CA GLU D 161 19.62 9.88 11.17
C GLU D 161 18.53 9.87 10.12
N CYS D 162 18.63 8.95 9.17
CA CYS D 162 17.54 8.70 8.21
C CYS D 162 16.62 7.56 8.66
N GLY D 163 17.18 6.47 9.13
CA GLY D 163 16.41 5.28 9.47
C GLY D 163 17.26 4.02 9.40
N THR D 164 16.68 2.90 9.79
CA THR D 164 17.42 1.67 9.94
C THR D 164 16.80 0.58 9.05
N LEU D 165 17.65 -0.10 8.29
CA LEU D 165 17.31 -1.25 7.49
C LEU D 165 17.68 -2.51 8.30
N LYS D 166 16.67 -3.24 8.77
CA LYS D 166 16.92 -4.31 9.77
C LYS D 166 17.34 -5.61 9.08
N GLN D 167 18.38 -6.25 9.64
CA GLN D 167 18.85 -7.56 9.17
CA GLN D 167 18.86 -7.56 9.18
C GLN D 167 19.29 -7.61 7.71
N VAL D 168 19.73 -6.47 7.18
CA VAL D 168 20.17 -6.40 5.78
C VAL D 168 21.60 -6.87 5.60
N GLY D 169 22.35 -6.98 6.71
CA GLY D 169 23.74 -7.46 6.69
C GLY D 169 23.90 -8.77 7.40
N GLN D 170 24.99 -9.49 7.11
CA GLN D 170 25.31 -10.66 7.91
C GLN D 170 26.78 -10.76 8.08
N LYS D 171 27.23 -10.95 9.33
CA LYS D 171 28.64 -11.17 9.55
C LYS D 171 28.76 -12.04 10.81
N PHE D 172 29.79 -12.87 10.85
CA PHE D 172 30.01 -13.75 12.01
C PHE D 172 28.74 -14.54 12.37
N GLY D 173 27.95 -14.92 11.37
CA GLY D 173 26.73 -15.69 11.57
C GLY D 173 25.56 -14.88 12.10
N ARG D 174 25.76 -13.59 12.30
CA ARG D 174 24.72 -12.72 12.83
C ARG D 174 24.05 -11.88 11.74
N TRP D 175 22.73 -11.73 11.83
CA TRP D 175 22.00 -10.69 11.05
C TRP D 175 22.32 -9.35 11.66
N LEU D 176 22.53 -8.32 10.83
CA LEU D 176 22.97 -7.00 11.30
C LEU D 176 22.07 -5.91 10.72
N ASP D 177 21.89 -4.83 11.49
CA ASP D 177 21.03 -3.71 11.10
C ASP D 177 21.90 -2.52 10.62
N LEU D 178 21.48 -1.85 9.55
CA LEU D 178 22.22 -0.71 8.95
C LEU D 178 21.47 0.57 9.21
N LEU D 179 22.09 1.48 9.96
CA LEU D 179 21.58 2.83 10.15
C LEU D 179 22.16 3.73 9.07
N PHE D 180 21.30 4.46 8.32
CA PHE D 180 21.80 5.45 7.38
C PHE D 180 21.71 6.83 8.08
N MET D 181 22.76 7.61 7.94
CA MET D 181 22.78 9.01 8.35
C MET D 181 23.23 9.79 7.14
N GLN D 182 22.88 11.06 7.10
CA GLN D 182 23.33 11.92 6.01
C GLN D 182 23.64 13.32 6.44
N LYS D 183 24.42 13.99 5.59
CA LYS D 183 24.67 15.39 5.72
C LYS D 183 24.58 16.04 4.37
N ILE D 184 23.71 17.01 4.25
CA ILE D 184 23.58 17.76 3.01
C ILE D 184 24.56 18.89 3.01
N LEU D 185 25.26 19.04 1.89
CA LEU D 185 26.32 20.07 1.73
C LEU D 185 25.87 21.18 0.78
#